data_4XJU
#
_entry.id   4XJU
#
_cell.length_a   76.414
_cell.length_b   82.418
_cell.length_c   116.697
_cell.angle_alpha   90.000
_cell.angle_beta   90.000
_cell.angle_gamma   90.000
#
_symmetry.space_group_name_H-M   'P 21 21 21'
#
loop_
_entity.id
_entity.type
_entity.pdbx_description
1 polymer 'Sialidase B'
2 non-polymer 'DIMETHYL SULFOXIDE'
3 non-polymer 'PHOSPHATE ION'
4 non-polymer '(1R,2R,3R,4R,5R,7R)-2-(acetylamino)-7-[(1R)-1,2-dihydroxyethyl]-4-fluoro-3-hydroxy-6,8-dioxabicyclo[3.2.1]octane-5-carboxylic acid'
5 water water
#
_entity_poly.entity_id   1
_entity_poly.type   'polypeptide(L)'
_entity_poly.pdbx_seq_one_letter_code
;ISPIFQGGSYQLNNKSIDISSLLLDKLSGESQTVVMKFKADKPNSLQALFGLSNSKAGFKNNYFSIFMRDSGEIGVEIRD
AQKGINYLFSRPASLWGKHKGQAVENTLVFVSDSKDKTYTMYVNGIEVFSETVDTFLPISNINGIDKATLGAVNREGKEH
YLAKGSIDEISLFNKAISDQEVSTIPLSNPFQLIFQSGDSTQANYFRIPTLYTLSSGRVLSSIDARYGGTHDSKSKINIA
TSYSDDNGKTWSEPIFAMKFNDYEEQLVYWPRDNKLKNSQISGSASFIDSSIVEDKKSGKTILLADVMPAGIGNNNANKA
DSGFKEINGHYYLKLKKNGDNDFRYTVRENGVVYNETTNKPTNYTINDKYEVLEGGKSLTVEQYSVDFDSGSLRERHNGK
QVPMNVFYKDSLFKVTPTNYIAMTTSQNRGESWEQFKLLPPFLGEKHNGTYLCPGQGLALKSSNRLIFATYTSGELTYLI
SDDSGQTWKKSSASIPFKNATAEAQMVELRDGVIRTFFRTTTGKIAYMTSRDSGETWSKVSYIDGIQQTSYGTQVSAIKY
SQLIDGKEAVILSTPNSRSGRKGGQLVVGLVNKEDDSIDWKYHYGIDLPSYGYAYSAITELPNHHIGVLFEKYDSWSRNE
LHLSNVVQYIDLEINDLT
;
_entity_poly.pdbx_strand_id   A
#
# COMPACT_ATOMS: atom_id res chain seq x y z
N ILE A 1 -0.22 6.81 -36.38
CA ILE A 1 1.03 7.16 -37.03
C ILE A 1 2.07 6.06 -36.87
N SER A 2 2.89 5.87 -37.90
CA SER A 2 3.93 4.85 -37.86
C SER A 2 5.24 5.45 -37.33
N PRO A 3 6.15 4.60 -36.81
CA PRO A 3 7.36 5.19 -36.23
C PRO A 3 8.36 5.69 -37.27
N ILE A 4 9.19 6.65 -36.87
CA ILE A 4 10.20 7.22 -37.75
C ILE A 4 11.48 6.42 -37.60
N PHE A 5 11.55 5.64 -36.53
CA PHE A 5 12.69 4.78 -36.27
C PHE A 5 12.20 3.61 -35.44
N GLN A 6 12.68 2.42 -35.79
CA GLN A 6 12.35 1.22 -35.04
C GLN A 6 13.54 0.28 -35.12
N GLY A 7 14.00 -0.14 -33.95
CA GLY A 7 15.16 -1.01 -33.85
C GLY A 7 14.96 -2.01 -32.71
N GLY A 8 15.79 -3.05 -32.67
CA GLY A 8 15.59 -4.07 -31.67
C GLY A 8 16.77 -4.96 -31.34
N SER A 9 16.62 -5.71 -30.25
CA SER A 9 17.64 -6.61 -29.73
C SER A 9 19.01 -5.95 -29.63
N TYR A 10 19.06 -4.85 -28.89
CA TYR A 10 20.32 -4.20 -28.56
C TYR A 10 20.79 -4.68 -27.19
N GLN A 11 22.02 -5.16 -27.10
CA GLN A 11 22.57 -5.57 -25.81
C GLN A 11 23.38 -4.41 -25.25
N LEU A 12 23.04 -3.95 -24.06
CA LEU A 12 23.81 -2.90 -23.40
C LEU A 12 24.78 -3.51 -22.37
N ASN A 13 26.04 -3.65 -22.76
CA ASN A 13 27.03 -4.27 -21.90
CA ASN A 13 27.05 -4.28 -21.91
C ASN A 13 28.15 -3.30 -21.53
N ASN A 14 27.76 -2.22 -20.84
CA ASN A 14 28.69 -1.16 -20.46
C ASN A 14 29.46 -0.61 -21.65
N LYS A 15 28.75 -0.49 -22.76
CA LYS A 15 29.30 0.09 -23.97
C LYS A 15 28.15 0.64 -24.79
N SER A 16 28.15 1.96 -25.01
CA SER A 16 27.05 2.60 -25.72
C SER A 16 26.93 2.13 -27.17
N ILE A 17 25.72 2.19 -27.71
CA ILE A 17 25.48 1.91 -29.12
C ILE A 17 25.07 3.20 -29.81
N ASP A 18 25.79 3.57 -30.87
CA ASP A 18 25.48 4.78 -31.62
C ASP A 18 24.39 4.49 -32.65
N ILE A 19 23.30 5.25 -32.61
CA ILE A 19 22.24 5.10 -33.60
C ILE A 19 21.95 6.42 -34.29
N SER A 20 22.93 7.32 -34.26
CA SER A 20 22.78 8.67 -34.80
C SER A 20 22.36 8.67 -36.27
N SER A 21 23.09 7.92 -37.10
CA SER A 21 22.85 7.90 -38.54
C SER A 21 21.44 7.41 -38.85
N LEU A 22 20.96 6.48 -38.04
CA LEU A 22 19.63 5.91 -38.20
C LEU A 22 18.49 6.85 -37.75
N LEU A 23 18.74 7.67 -36.74
CA LEU A 23 17.65 8.39 -36.06
C LEU A 23 17.61 9.91 -36.22
N LEU A 24 18.76 10.58 -36.10
CA LEU A 24 18.76 12.04 -35.96
C LEU A 24 18.09 12.78 -37.11
N ASP A 25 18.34 12.37 -38.35
CA ASP A 25 17.75 13.06 -39.49
C ASP A 25 16.26 12.73 -39.69
N LYS A 26 15.72 11.86 -38.84
CA LYS A 26 14.30 11.51 -38.88
C LYS A 26 13.47 12.31 -37.89
N LEU A 27 14.15 12.90 -36.90
CA LEU A 27 13.47 13.69 -35.87
C LEU A 27 13.01 15.04 -36.44
N SER A 28 11.72 15.34 -36.28
CA SER A 28 11.18 16.59 -36.78
CA SER A 28 11.14 16.56 -36.81
C SER A 28 9.94 17.00 -36.01
N GLY A 29 9.73 18.32 -35.95
CA GLY A 29 8.63 18.86 -35.18
C GLY A 29 9.00 18.87 -33.71
N GLU A 30 8.12 19.43 -32.89
CA GLU A 30 8.47 19.65 -31.50
C GLU A 30 7.89 18.64 -30.52
N SER A 31 7.12 17.68 -31.03
CA SER A 31 6.53 16.63 -30.20
C SER A 31 7.04 15.25 -30.57
N GLN A 32 7.35 14.43 -29.58
CA GLN A 32 7.87 13.09 -29.83
C GLN A 32 7.36 12.08 -28.82
N THR A 33 7.28 10.81 -29.23
CA THR A 33 6.99 9.72 -28.30
C THR A 33 8.08 8.67 -28.44
N VAL A 34 8.59 8.19 -27.29
CA VAL A 34 9.56 7.10 -27.28
C VAL A 34 8.89 5.89 -26.64
N VAL A 35 8.92 4.76 -27.33
CA VAL A 35 8.39 3.51 -26.80
C VAL A 35 9.57 2.54 -26.74
N MET A 36 9.80 1.96 -25.56
CA MET A 36 10.97 1.12 -25.37
C MET A 36 10.65 -0.09 -24.52
N LYS A 37 10.99 -1.27 -25.01
CA LYS A 37 10.87 -2.49 -24.20
C LYS A 37 12.28 -2.93 -23.83
N PHE A 38 12.54 -2.99 -22.53
CA PHE A 38 13.91 -3.20 -22.06
C PHE A 38 13.97 -4.08 -20.82
N LYS A 39 15.11 -4.72 -20.64
CA LYS A 39 15.33 -5.53 -19.45
C LYS A 39 16.54 -4.96 -18.75
N ALA A 40 16.54 -5.04 -17.43
CA ALA A 40 17.70 -4.67 -16.64
C ALA A 40 17.62 -5.36 -15.31
N ASP A 41 18.16 -6.57 -15.27
CA ASP A 41 18.11 -7.37 -14.05
C ASP A 41 19.39 -7.24 -13.24
N LYS A 42 20.40 -6.58 -13.80
CA LYS A 42 21.63 -6.29 -13.07
C LYS A 42 22.08 -4.87 -13.33
N PRO A 43 21.20 -3.88 -13.06
CA PRO A 43 21.56 -2.52 -13.48
C PRO A 43 22.76 -1.94 -12.73
N ASN A 44 23.46 -1.00 -13.36
CA ASN A 44 24.42 -0.16 -12.65
C ASN A 44 23.67 0.80 -11.75
N SER A 45 24.38 1.48 -10.85
CA SER A 45 23.73 2.37 -9.86
C SER A 45 22.85 3.41 -10.54
N LEU A 46 23.36 4.00 -11.61
CA LEU A 46 22.66 5.01 -12.40
C LEU A 46 23.06 4.80 -13.84
N GLN A 47 22.07 4.59 -14.71
CA GLN A 47 22.39 4.36 -16.12
C GLN A 47 21.33 4.94 -17.05
N ALA A 48 21.77 5.43 -18.21
CA ALA A 48 20.87 5.92 -19.25
C ALA A 48 20.53 4.80 -20.22
N LEU A 49 19.25 4.70 -20.56
CA LEU A 49 18.81 3.71 -21.54
C LEU A 49 18.93 4.31 -22.94
N PHE A 50 18.62 5.61 -23.02
CA PHE A 50 18.54 6.32 -24.29
C PHE A 50 19.01 7.74 -24.09
N GLY A 51 19.75 8.27 -25.07
CA GLY A 51 20.25 9.62 -24.97
C GLY A 51 20.25 10.32 -26.32
N LEU A 52 19.99 11.62 -26.27
CA LEU A 52 20.15 12.51 -27.42
C LEU A 52 20.99 13.66 -26.91
N SER A 53 22.17 13.86 -27.48
CA SER A 53 23.08 14.84 -26.91
C SER A 53 23.85 15.65 -27.95
N ASN A 54 24.29 16.83 -27.50
CA ASN A 54 25.37 17.55 -28.15
C ASN A 54 26.65 17.00 -27.55
N SER A 55 27.45 16.31 -28.36
CA SER A 55 28.63 15.63 -27.85
C SER A 55 29.87 16.53 -27.86
N LYS A 56 29.70 17.79 -28.25
CA LYS A 56 30.85 18.67 -28.47
C LYS A 56 31.39 19.34 -27.21
N ALA A 57 32.70 19.59 -27.20
CA ALA A 57 33.35 20.29 -26.10
C ALA A 57 32.61 21.58 -25.75
N GLY A 58 32.32 21.80 -24.47
CA GLY A 58 31.64 23.00 -24.05
C GLY A 58 30.13 22.91 -24.00
N PHE A 59 29.60 21.73 -24.35
CA PHE A 59 28.14 21.56 -24.36
C PHE A 59 27.68 20.33 -23.60
N LYS A 60 28.37 20.03 -22.50
CA LYS A 60 28.07 18.83 -21.71
C LYS A 60 26.67 18.85 -21.09
N ASN A 61 26.07 20.04 -21.00
CA ASN A 61 24.75 20.17 -20.42
C ASN A 61 23.65 20.38 -21.46
N ASN A 62 23.89 19.87 -22.67
CA ASN A 62 22.89 19.90 -23.72
C ASN A 62 22.54 18.49 -24.13
N TYR A 63 21.59 17.88 -23.43
CA TYR A 63 21.20 16.51 -23.74
C TYR A 63 19.81 16.18 -23.23
N PHE A 64 19.20 15.19 -23.86
CA PHE A 64 18.01 14.53 -23.34
C PHE A 64 18.39 13.10 -23.00
N SER A 65 17.87 12.58 -21.89
CA SER A 65 18.12 11.20 -21.52
C SER A 65 16.90 10.58 -20.87
N ILE A 66 16.75 9.27 -21.09
CA ILE A 66 15.88 8.47 -20.25
C ILE A 66 16.82 7.64 -19.36
N PHE A 67 16.75 7.85 -18.06
CA PHE A 67 17.64 7.12 -17.14
C PHE A 67 16.87 6.28 -16.12
N MET A 68 17.58 5.36 -15.48
CA MET A 68 17.03 4.57 -14.37
C MET A 68 18.07 4.47 -13.26
N ARG A 69 17.64 4.13 -12.06
CA ARG A 69 18.55 3.86 -10.95
C ARG A 69 18.38 2.43 -10.50
N ASP A 70 19.37 1.88 -9.81
CA ASP A 70 19.23 0.51 -9.30
C ASP A 70 18.23 0.40 -8.15
N SER A 71 17.63 1.52 -7.76
CA SER A 71 16.50 1.53 -6.84
C SER A 71 15.20 1.21 -7.56
N GLY A 72 15.21 1.23 -8.88
CA GLY A 72 13.98 1.07 -9.67
C GLY A 72 13.36 2.39 -10.12
N GLU A 73 13.99 3.49 -9.75
CA GLU A 73 13.53 4.81 -10.18
C GLU A 73 13.74 4.97 -11.69
N ILE A 74 12.78 5.61 -12.35
CA ILE A 74 12.90 5.97 -13.77
C ILE A 74 12.81 7.49 -13.88
N GLY A 75 13.48 8.06 -14.89
CA GLY A 75 13.39 9.50 -15.09
C GLY A 75 13.89 9.98 -16.43
N VAL A 76 13.76 11.28 -16.66
CA VAL A 76 14.35 11.90 -17.85
C VAL A 76 15.09 13.16 -17.44
N GLU A 77 16.11 13.52 -18.21
CA GLU A 77 16.72 14.84 -18.13
C GLU A 77 16.49 15.51 -19.48
N ILE A 78 16.23 16.82 -19.45
CA ILE A 78 16.08 17.59 -20.68
C ILE A 78 16.81 18.89 -20.42
N ARG A 79 17.98 19.05 -21.04
CA ARG A 79 18.88 20.15 -20.67
C ARG A 79 19.37 20.90 -21.90
N ASP A 80 19.39 22.22 -21.81
CA ASP A 80 19.92 23.06 -22.89
C ASP A 80 20.47 24.32 -22.22
N ALA A 81 21.80 24.46 -22.22
CA ALA A 81 22.46 25.52 -21.46
C ALA A 81 22.17 26.90 -22.05
N GLN A 82 22.05 26.96 -23.37
CA GLN A 82 21.78 28.22 -24.05
C GLN A 82 20.41 28.77 -23.69
N LYS A 83 19.44 27.86 -23.51
CA LYS A 83 18.10 28.23 -23.10
C LYS A 83 18.00 28.40 -21.60
N GLY A 84 19.02 27.92 -20.88
CA GLY A 84 19.01 27.98 -19.43
C GLY A 84 17.95 27.06 -18.82
N ILE A 85 17.77 25.90 -19.45
CA ILE A 85 16.81 24.91 -18.98
C ILE A 85 17.51 23.64 -18.49
N ASN A 86 17.16 23.20 -17.29
CA ASN A 86 17.64 21.93 -16.76
C ASN A 86 16.50 21.16 -16.08
N TYR A 87 15.70 20.47 -16.89
CA TYR A 87 14.56 19.72 -16.37
C TYR A 87 15.00 18.32 -15.94
N LEU A 88 14.52 17.90 -14.78
CA LEU A 88 14.76 16.56 -14.26
C LEU A 88 13.44 16.10 -13.68
N PHE A 89 12.81 15.13 -14.34
CA PHE A 89 11.57 14.55 -13.84
C PHE A 89 11.82 13.06 -13.58
N SER A 90 11.30 12.53 -12.49
CA SER A 90 11.48 11.12 -12.21
C SER A 90 10.44 10.63 -11.23
N ARG A 91 10.32 9.31 -11.12
CA ARG A 91 9.58 8.73 -10.00
C ARG A 91 10.29 7.47 -9.54
N PRO A 92 10.52 7.37 -8.23
CA PRO A 92 11.04 6.14 -7.65
C PRO A 92 10.15 4.93 -7.93
N ALA A 93 10.70 3.74 -7.73
CA ALA A 93 9.94 2.48 -7.75
C ALA A 93 9.01 2.34 -8.95
N SER A 94 9.54 2.51 -10.15
CA SER A 94 8.72 2.41 -11.34
C SER A 94 8.99 1.16 -12.17
N LEU A 95 9.95 0.34 -11.76
CA LEU A 95 10.44 -0.76 -12.61
C LEU A 95 10.32 -2.14 -11.99
N TRP A 96 10.30 -3.16 -12.85
CA TRP A 96 10.53 -4.55 -12.45
C TRP A 96 11.91 -4.98 -12.94
N GLY A 97 12.51 -5.92 -12.22
CA GLY A 97 13.82 -6.41 -12.59
C GLY A 97 13.75 -7.85 -13.06
N LYS A 98 13.29 -8.72 -12.16
CA LYS A 98 13.23 -10.17 -12.39
C LYS A 98 11.94 -10.70 -11.84
N HIS A 99 11.39 -11.73 -12.49
CA HIS A 99 10.20 -12.43 -11.99
C HIS A 99 10.38 -13.92 -12.27
N LYS A 100 10.23 -14.74 -11.22
CA LYS A 100 10.52 -16.17 -11.33
C LYS A 100 11.94 -16.39 -11.87
N GLY A 101 12.87 -15.56 -11.40
CA GLY A 101 14.28 -15.67 -11.78
C GLY A 101 14.65 -15.24 -13.20
N GLN A 102 13.66 -14.74 -13.95
CA GLN A 102 13.88 -14.34 -15.34
C GLN A 102 13.73 -12.83 -15.47
N ALA A 103 14.62 -12.19 -16.23
CA ALA A 103 14.53 -10.74 -16.42
C ALA A 103 13.17 -10.33 -17.01
N VAL A 104 12.57 -9.29 -16.43
CA VAL A 104 11.28 -8.79 -16.89
C VAL A 104 11.44 -7.78 -18.02
N GLU A 105 10.58 -7.89 -19.04
CA GLU A 105 10.57 -6.90 -20.10
C GLU A 105 9.64 -5.76 -19.70
N ASN A 106 10.24 -4.65 -19.30
CA ASN A 106 9.48 -3.44 -18.95
C ASN A 106 9.08 -2.72 -20.23
N THR A 107 7.88 -2.16 -20.25
CA THR A 107 7.42 -1.36 -21.40
C THR A 107 7.34 0.09 -20.98
N LEU A 108 8.23 0.91 -21.54
CA LEU A 108 8.30 2.32 -21.19
C LEU A 108 7.75 3.15 -22.34
N VAL A 109 6.89 4.11 -22.03
CA VAL A 109 6.36 5.01 -23.04
C VAL A 109 6.55 6.43 -22.54
N PHE A 110 7.35 7.22 -23.26
CA PHE A 110 7.56 8.60 -22.86
C PHE A 110 7.01 9.56 -23.91
N VAL A 111 6.14 10.47 -23.46
CA VAL A 111 5.46 11.38 -24.37
C VAL A 111 5.90 12.82 -24.11
N SER A 112 6.42 13.47 -25.16
CA SER A 112 6.87 14.86 -25.08
C SER A 112 5.95 15.69 -25.94
N ASP A 113 5.02 16.42 -25.30
CA ASP A 113 3.91 17.08 -25.98
C ASP A 113 4.12 18.59 -25.99
N SER A 114 4.50 19.14 -27.14
CA SER A 114 4.79 20.58 -27.24
C SER A 114 3.53 21.43 -27.12
N LYS A 115 2.41 20.92 -27.61
CA LYS A 115 1.18 21.70 -27.60
C LYS A 115 0.64 21.89 -26.19
N ASP A 116 0.65 20.82 -25.41
CA ASP A 116 0.22 20.91 -24.02
C ASP A 116 1.38 21.18 -23.06
N LYS A 117 2.59 21.34 -23.62
CA LYS A 117 3.81 21.58 -22.86
C LYS A 117 3.97 20.63 -21.70
N THR A 118 3.72 19.35 -21.96
CA THR A 118 3.69 18.34 -20.90
C THR A 118 4.55 17.16 -21.28
N TYR A 119 5.29 16.65 -20.31
CA TYR A 119 6.09 15.45 -20.47
C TYR A 119 5.46 14.37 -19.60
N THR A 120 5.15 13.23 -20.21
CA THR A 120 4.48 12.15 -19.50
C THR A 120 5.22 10.84 -19.66
N MET A 121 5.42 10.14 -18.54
CA MET A 121 6.10 8.85 -18.56
C MET A 121 5.18 7.74 -18.06
N TYR A 122 5.10 6.67 -18.84
CA TYR A 122 4.42 5.46 -18.40
C TYR A 122 5.42 4.33 -18.33
N VAL A 123 5.31 3.48 -17.30
CA VAL A 123 6.07 2.23 -17.31
C VAL A 123 5.13 1.08 -16.94
N ASN A 124 5.15 0.01 -17.74
CA ASN A 124 4.31 -1.16 -17.52
C ASN A 124 2.82 -0.82 -17.39
N GLY A 125 2.38 0.14 -18.21
CA GLY A 125 0.97 0.50 -18.28
C GLY A 125 0.54 1.45 -17.17
N ILE A 126 1.51 1.97 -16.44
CA ILE A 126 1.24 2.84 -15.30
C ILE A 126 1.87 4.20 -15.53
N GLU A 127 1.08 5.26 -15.45
CA GLU A 127 1.60 6.60 -15.58
C GLU A 127 2.36 6.95 -14.31
N VAL A 128 3.67 7.20 -14.41
CA VAL A 128 4.48 7.46 -13.21
C VAL A 128 4.81 8.95 -13.01
N PHE A 129 4.75 9.73 -14.08
CA PHE A 129 4.72 11.17 -13.91
C PHE A 129 4.15 11.91 -15.11
N SER A 130 3.61 13.10 -14.85
CA SER A 130 3.10 13.96 -15.92
C SER A 130 3.39 15.39 -15.52
N GLU A 131 4.30 16.04 -16.23
CA GLU A 131 4.78 17.35 -15.80
C GLU A 131 4.58 18.40 -16.87
N THR A 132 3.83 19.45 -16.54
CA THR A 132 3.59 20.57 -17.44
C THR A 132 4.55 21.70 -17.04
N VAL A 133 5.10 22.38 -18.04
CA VAL A 133 6.06 23.45 -17.79
C VAL A 133 5.66 24.72 -18.54
N ASP A 134 6.13 25.86 -18.05
CA ASP A 134 5.87 27.14 -18.71
C ASP A 134 6.68 27.28 -19.99
N THR A 135 7.95 26.91 -19.93
CA THR A 135 8.83 26.96 -21.09
C THR A 135 9.17 25.55 -21.59
N PHE A 136 8.48 25.12 -22.65
CA PHE A 136 8.66 23.76 -23.14
C PHE A 136 9.95 23.59 -23.94
N LEU A 137 10.65 22.48 -23.72
CA LEU A 137 11.85 22.16 -24.49
C LEU A 137 11.66 20.86 -25.26
N PRO A 138 11.45 20.97 -26.58
CA PRO A 138 11.36 19.77 -27.40
C PRO A 138 12.68 18.98 -27.33
N ILE A 139 12.59 17.65 -27.30
CA ILE A 139 13.75 16.82 -26.92
C ILE A 139 14.82 16.73 -28.00
N SER A 140 14.44 16.97 -29.24
CA SER A 140 15.40 16.95 -30.35
C SER A 140 15.73 18.37 -30.78
N ASN A 141 15.23 19.33 -30.01
CA ASN A 141 15.47 20.74 -30.30
CA ASN A 141 15.45 20.75 -30.28
C ASN A 141 16.53 21.34 -29.39
N ILE A 142 17.23 20.49 -28.66
CA ILE A 142 18.34 20.93 -27.80
C ILE A 142 19.47 21.40 -28.71
N ASN A 143 20.12 22.50 -28.34
CA ASN A 143 21.10 23.15 -29.20
C ASN A 143 22.29 22.26 -29.59
N GLY A 144 22.43 22.02 -30.90
CA GLY A 144 23.56 21.27 -31.43
C GLY A 144 23.59 19.77 -31.19
N ILE A 145 22.42 19.16 -30.98
CA ILE A 145 22.36 17.72 -30.81
C ILE A 145 23.00 17.04 -32.02
N ASP A 146 23.91 16.09 -31.76
CA ASP A 146 24.60 15.41 -32.85
C ASP A 146 24.80 13.92 -32.58
N LYS A 147 24.27 13.43 -31.46
CA LYS A 147 24.38 12.01 -31.12
C LYS A 147 23.05 11.45 -30.62
N ALA A 148 22.66 10.29 -31.13
CA ALA A 148 21.57 9.50 -30.55
C ALA A 148 22.20 8.21 -30.06
N THR A 149 22.01 7.89 -28.78
CA THR A 149 22.79 6.86 -28.10
C THR A 149 21.91 5.91 -27.29
N LEU A 150 22.23 4.62 -27.32
CA LEU A 150 21.59 3.66 -26.43
C LEU A 150 22.60 3.21 -25.37
N GLY A 151 22.18 3.23 -24.10
CA GLY A 151 23.00 2.68 -23.04
C GLY A 151 24.09 3.61 -22.53
N ALA A 152 23.97 4.90 -22.88
CA ALA A 152 24.81 5.95 -22.32
C ALA A 152 24.34 7.30 -22.84
N VAL A 153 24.93 8.37 -22.32
CA VAL A 153 24.80 9.68 -22.95
C VAL A 153 26.20 10.15 -23.29
N ASN A 154 26.43 10.53 -24.55
CA ASN A 154 27.72 11.06 -24.97
C ASN A 154 27.82 12.53 -24.58
N ARG A 155 28.70 12.83 -23.63
CA ARG A 155 28.97 14.22 -23.24
C ARG A 155 30.44 14.53 -23.47
N GLU A 156 30.71 15.50 -24.35
CA GLU A 156 32.09 15.90 -24.67
C GLU A 156 32.94 14.70 -25.10
N GLY A 157 32.30 13.77 -25.84
CA GLY A 157 32.99 12.63 -26.41
C GLY A 157 33.16 11.42 -25.50
N LYS A 158 32.67 11.53 -24.26
CA LYS A 158 32.80 10.42 -23.31
C LYS A 158 31.45 9.80 -22.92
N GLU A 159 31.46 8.52 -22.59
CA GLU A 159 30.24 7.80 -22.24
C GLU A 159 29.86 8.01 -20.78
N HIS A 160 28.75 8.71 -20.54
CA HIS A 160 28.27 8.92 -19.18
C HIS A 160 27.08 7.99 -18.95
N TYR A 161 26.86 7.61 -17.70
CA TYR A 161 25.71 6.78 -17.33
C TYR A 161 25.68 5.46 -18.11
N LEU A 162 26.80 4.77 -18.19
CA LEU A 162 26.88 3.50 -18.92
C LEU A 162 25.88 2.47 -18.36
N ALA A 163 25.16 1.80 -19.26
CA ALA A 163 24.11 0.86 -18.87
C ALA A 163 24.50 -0.60 -19.01
N LYS A 164 23.99 -1.42 -18.09
CA LYS A 164 23.93 -2.88 -18.28
C LYS A 164 22.46 -3.26 -18.38
N GLY A 165 22.10 -3.95 -19.46
CA GLY A 165 20.74 -4.40 -19.66
C GLY A 165 20.56 -4.67 -21.14
N SER A 166 19.32 -4.60 -21.62
CA SER A 166 19.07 -4.80 -23.03
C SER A 166 17.84 -4.04 -23.47
N ILE A 167 17.86 -3.55 -24.70
CA ILE A 167 16.68 -2.92 -25.26
C ILE A 167 16.14 -3.80 -26.37
N ASP A 168 15.06 -4.52 -26.08
CA ASP A 168 14.57 -5.49 -27.03
C ASP A 168 13.81 -4.84 -28.19
N GLU A 169 13.17 -3.71 -27.90
CA GLU A 169 12.50 -2.91 -28.92
C GLU A 169 12.57 -1.43 -28.57
N ILE A 170 12.81 -0.59 -29.57
CA ILE A 170 12.70 0.85 -29.36
C ILE A 170 12.11 1.49 -30.61
N SER A 171 11.08 2.31 -30.41
CA SER A 171 10.44 3.04 -31.49
C SER A 171 10.32 4.51 -31.11
N LEU A 172 10.46 5.40 -32.09
CA LEU A 172 10.21 6.82 -31.88
C LEU A 172 9.18 7.33 -32.88
N PHE A 173 8.38 8.30 -32.45
CA PHE A 173 7.31 8.86 -33.28
C PHE A 173 7.43 10.38 -33.23
N ASN A 174 7.21 11.05 -34.37
CA ASN A 174 7.17 12.51 -34.38
C ASN A 174 5.76 12.95 -34.10
N LYS A 175 5.26 12.54 -32.94
CA LYS A 175 3.93 12.88 -32.51
C LYS A 175 3.83 12.61 -31.02
N ALA A 176 3.00 13.39 -30.33
CA ALA A 176 2.67 13.08 -28.94
C ALA A 176 1.44 12.18 -28.97
N ILE A 177 1.62 10.89 -28.74
CA ILE A 177 0.48 9.98 -28.85
C ILE A 177 -0.47 10.17 -27.66
N SER A 178 -1.75 9.92 -27.89
CA SER A 178 -2.76 10.15 -26.85
C SER A 178 -2.73 9.09 -25.77
N ASP A 179 -3.32 9.43 -24.63
CA ASP A 179 -3.49 8.48 -23.53
C ASP A 179 -4.22 7.21 -24.01
N GLN A 180 -5.21 7.37 -24.89
CA GLN A 180 -5.93 6.20 -25.42
C GLN A 180 -5.02 5.34 -26.28
N GLU A 181 -4.22 5.98 -27.13
CA GLU A 181 -3.25 5.25 -27.95
C GLU A 181 -2.23 4.51 -27.08
N VAL A 182 -1.70 5.18 -26.05
CA VAL A 182 -0.77 4.54 -25.11
C VAL A 182 -1.37 3.25 -24.54
N SER A 183 -2.64 3.29 -24.19
CA SER A 183 -3.29 2.13 -23.53
C SER A 183 -3.40 0.90 -24.43
N THR A 184 -3.19 1.07 -25.74
CA THR A 184 -3.28 -0.04 -26.69
C THR A 184 -1.94 -0.73 -26.95
N ILE A 185 -0.85 -0.13 -26.47
CA ILE A 185 0.48 -0.71 -26.62
C ILE A 185 0.60 -1.98 -25.77
N PRO A 186 0.93 -3.12 -26.42
CA PRO A 186 1.01 -4.40 -25.71
C PRO A 186 2.00 -4.39 -24.55
N LEU A 187 1.63 -5.02 -23.45
CA LEU A 187 2.50 -5.07 -22.27
C LEU A 187 3.00 -6.50 -22.02
N SER A 188 4.11 -6.62 -21.28
CA SER A 188 4.59 -7.92 -20.83
C SER A 188 4.78 -7.92 -19.33
N ASN A 189 3.74 -7.51 -18.60
CA ASN A 189 3.85 -7.33 -17.16
C ASN A 189 3.85 -8.65 -16.41
N PRO A 190 4.70 -8.76 -15.37
CA PRO A 190 4.69 -9.97 -14.55
C PRO A 190 3.63 -9.91 -13.45
N PHE A 191 2.94 -8.78 -13.35
CA PHE A 191 2.04 -8.49 -12.25
C PHE A 191 0.67 -8.03 -12.77
N GLN A 192 -0.29 -7.91 -11.86
CA GLN A 192 -1.56 -7.27 -12.18
C GLN A 192 -1.95 -6.35 -11.04
N LEU A 193 -2.93 -5.48 -11.29
CA LEU A 193 -3.42 -4.59 -10.24
C LEU A 193 -4.80 -5.08 -9.82
N ILE A 194 -5.06 -5.03 -8.52
CA ILE A 194 -6.39 -5.30 -7.99
C ILE A 194 -7.04 -3.95 -7.70
N PHE A 195 -6.38 -3.14 -6.87
CA PHE A 195 -6.79 -1.76 -6.62
C PHE A 195 -5.86 -0.85 -7.42
N GLN A 196 -6.39 0.23 -7.99
CA GLN A 196 -5.59 1.13 -8.81
C GLN A 196 -6.22 2.52 -8.92
N SER A 197 -5.40 3.51 -9.22
CA SER A 197 -5.86 4.88 -9.36
C SER A 197 -6.96 4.97 -10.41
N GLY A 198 -8.06 5.65 -10.06
CA GLY A 198 -9.17 5.85 -10.98
C GLY A 198 -10.24 4.78 -10.87
N ASP A 199 -10.04 3.79 -10.02
CA ASP A 199 -11.08 2.79 -9.81
C ASP A 199 -12.21 3.34 -8.93
N SER A 200 -13.11 2.46 -8.53
CA SER A 200 -14.33 2.83 -7.81
C SER A 200 -14.06 3.50 -6.46
N THR A 201 -12.85 3.34 -5.92
CA THR A 201 -12.53 3.92 -4.62
C THR A 201 -12.25 5.41 -4.76
N GLN A 202 -11.77 5.79 -5.94
CA GLN A 202 -11.31 7.16 -6.22
C GLN A 202 -10.15 7.60 -5.31
N ALA A 203 -9.48 6.64 -4.68
CA ALA A 203 -8.25 6.96 -3.96
C ALA A 203 -7.09 6.84 -4.93
N ASN A 204 -6.16 7.81 -4.88
CA ASN A 204 -5.04 7.77 -5.80
C ASN A 204 -3.92 6.89 -5.25
N TYR A 205 -4.05 6.47 -3.97
CA TYR A 205 -3.01 5.71 -3.27
C TYR A 205 -3.59 4.55 -2.48
N PHE A 206 -2.78 3.51 -2.30
CA PHE A 206 -3.19 2.33 -1.55
C PHE A 206 -2.03 1.81 -0.73
N ARG A 207 -2.34 1.30 0.47
CA ARG A 207 -1.34 0.67 1.31
C ARG A 207 -2.01 -0.41 2.13
N ILE A 208 -1.20 -1.27 2.74
CA ILE A 208 -1.68 -2.28 3.70
C ILE A 208 -2.59 -3.33 3.06
N PRO A 209 -2.07 -4.09 2.08
CA PRO A 209 -2.87 -5.13 1.42
C PRO A 209 -3.12 -6.33 2.31
N THR A 210 -4.25 -6.99 2.10
CA THR A 210 -4.52 -8.29 2.74
C THR A 210 -5.05 -9.25 1.67
N LEU A 211 -4.96 -10.55 1.94
CA LEU A 211 -5.51 -11.60 1.08
C LEU A 211 -6.00 -12.73 1.96
N TYR A 212 -7.12 -13.33 1.58
CA TYR A 212 -7.67 -14.44 2.35
C TYR A 212 -8.49 -15.34 1.44
N THR A 213 -8.22 -16.65 1.47
CA THR A 213 -8.97 -17.58 0.63
C THR A 213 -10.18 -18.12 1.38
N LEU A 214 -11.37 -17.85 0.85
CA LEU A 214 -12.61 -18.30 1.47
C LEU A 214 -12.93 -19.75 1.08
N SER A 215 -13.76 -20.42 1.89
CA SER A 215 -14.05 -21.84 1.69
C SER A 215 -14.72 -22.15 0.35
N SER A 216 -15.39 -21.17 -0.23
CA SER A 216 -16.02 -21.36 -1.54
C SER A 216 -14.98 -21.33 -2.66
N GLY A 217 -13.79 -20.86 -2.34
CA GLY A 217 -12.74 -20.74 -3.34
C GLY A 217 -12.57 -19.30 -3.78
N ARG A 218 -13.53 -18.45 -3.43
CA ARG A 218 -13.37 -17.02 -3.65
C ARG A 218 -12.18 -16.51 -2.83
N VAL A 219 -11.36 -15.66 -3.44
CA VAL A 219 -10.21 -15.07 -2.75
C VAL A 219 -10.54 -13.61 -2.51
N LEU A 220 -10.45 -13.18 -1.26
CA LEU A 220 -10.82 -11.83 -0.88
C LEU A 220 -9.59 -11.00 -0.52
N SER A 221 -9.64 -9.73 -0.88
CA SER A 221 -8.56 -8.81 -0.55
C SER A 221 -9.14 -7.55 0.07
N SER A 222 -8.46 -7.02 1.09
CA SER A 222 -8.78 -5.71 1.60
C SER A 222 -7.54 -4.81 1.54
N ILE A 223 -7.76 -3.50 1.72
CA ILE A 223 -6.68 -2.53 1.57
C ILE A 223 -7.08 -1.19 2.18
N ASP A 224 -6.08 -0.40 2.55
CA ASP A 224 -6.31 0.99 2.88
C ASP A 224 -6.43 1.74 1.56
N ALA A 225 -7.58 2.34 1.29
CA ALA A 225 -7.67 3.31 0.20
C ALA A 225 -7.30 4.68 0.77
N ARG A 226 -6.07 5.14 0.48
CA ARG A 226 -5.53 6.35 1.10
C ARG A 226 -5.64 7.56 0.17
N TYR A 227 -6.40 8.55 0.60
CA TYR A 227 -6.75 9.65 -0.29
C TYR A 227 -5.71 10.76 -0.23
N GLY A 228 -5.23 11.05 0.97
CA GLY A 228 -4.32 12.18 1.16
C GLY A 228 -2.87 11.76 1.06
N GLY A 229 -2.51 11.26 -0.12
CA GLY A 229 -1.18 10.71 -0.31
C GLY A 229 -1.10 9.39 0.44
N THR A 230 0.11 8.86 0.61
CA THR A 230 0.27 7.56 1.27
C THR A 230 0.41 7.65 2.78
N HIS A 231 0.23 8.84 3.34
CA HIS A 231 0.35 9.08 4.78
C HIS A 231 -0.58 8.20 5.60
N ASP A 232 -0.12 7.68 6.74
CA ASP A 232 -1.01 7.03 7.70
CA ASP A 232 -1.01 7.03 7.70
C ASP A 232 -1.88 8.11 8.36
N SER A 233 -2.94 7.69 9.04
CA SER A 233 -3.78 8.62 9.81
C SER A 233 -2.89 9.48 10.71
N LYS A 234 -3.22 10.77 10.95
CA LYS A 234 -4.45 11.42 10.45
C LYS A 234 -4.45 11.61 8.94
N SER A 235 -5.58 11.28 8.32
CA SER A 235 -5.74 11.49 6.88
C SER A 235 -7.18 11.22 6.54
N LYS A 236 -7.47 11.08 5.26
CA LYS A 236 -8.70 10.37 4.88
C LYS A 236 -8.31 9.03 4.29
N ILE A 237 -8.80 7.96 4.91
CA ILE A 237 -8.55 6.61 4.44
C ILE A 237 -9.84 5.82 4.64
N ASN A 238 -10.21 5.05 3.62
CA ASN A 238 -11.32 4.11 3.72
C ASN A 238 -10.75 2.70 3.60
N ILE A 239 -11.52 1.70 3.99
CA ILE A 239 -11.12 0.32 3.73
C ILE A 239 -11.91 -0.21 2.55
N ALA A 240 -11.21 -0.70 1.52
CA ALA A 240 -11.85 -1.25 0.33
C ALA A 240 -11.58 -2.75 0.19
N THR A 241 -12.45 -3.45 -0.54
CA THR A 241 -12.28 -4.88 -0.77
C THR A 241 -12.56 -5.23 -2.23
N SER A 242 -11.97 -6.34 -2.68
CA SER A 242 -12.19 -6.85 -4.03
C SER A 242 -12.02 -8.35 -3.93
N TYR A 243 -12.66 -9.12 -4.79
CA TYR A 243 -12.49 -10.58 -4.74
C TYR A 243 -12.26 -11.17 -6.11
N SER A 244 -11.70 -12.38 -6.13
CA SER A 244 -11.49 -13.13 -7.36
C SER A 244 -12.13 -14.51 -7.25
N ASP A 245 -12.86 -14.91 -8.28
CA ASP A 245 -13.49 -16.22 -8.30
C ASP A 245 -12.77 -17.19 -9.21
N ASP A 246 -11.67 -16.74 -9.81
CA ASP A 246 -10.94 -17.57 -10.77
C ASP A 246 -9.46 -17.71 -10.41
N ASN A 247 -9.18 -17.95 -9.12
CA ASN A 247 -7.82 -18.16 -8.65
C ASN A 247 -6.92 -16.94 -8.87
N GLY A 248 -7.49 -15.75 -8.78
CA GLY A 248 -6.70 -14.53 -8.85
C GLY A 248 -6.48 -13.97 -10.24
N LYS A 249 -7.04 -14.61 -11.26
CA LYS A 249 -6.85 -14.13 -12.63
C LYS A 249 -7.53 -12.79 -12.90
N THR A 250 -8.76 -12.64 -12.41
CA THR A 250 -9.48 -11.36 -12.53
C THR A 250 -10.08 -10.99 -11.18
N TRP A 251 -10.35 -9.70 -10.99
CA TRP A 251 -10.76 -9.17 -9.70
C TRP A 251 -11.95 -8.26 -9.89
N SER A 252 -12.83 -8.24 -8.89
CA SER A 252 -14.03 -7.41 -8.93
C SER A 252 -13.72 -5.94 -8.74
N GLU A 253 -14.59 -5.07 -9.24
CA GLU A 253 -14.45 -3.64 -8.96
CA GLU A 253 -14.47 -3.65 -8.95
C GLU A 253 -14.62 -3.46 -7.46
N PRO A 254 -13.72 -2.69 -6.83
CA PRO A 254 -13.77 -2.55 -5.38
C PRO A 254 -15.06 -1.94 -4.86
N ILE A 255 -15.40 -2.32 -3.62
CA ILE A 255 -16.44 -1.65 -2.87
C ILE A 255 -15.81 -1.29 -1.54
N PHE A 256 -16.51 -0.51 -0.72
CA PHE A 256 -15.99 -0.19 0.60
C PHE A 256 -16.51 -1.13 1.67
N ALA A 257 -15.63 -1.55 2.57
CA ALA A 257 -16.03 -2.30 3.76
C ALA A 257 -16.30 -1.33 4.90
N MET A 258 -15.47 -0.30 5.00
CA MET A 258 -15.64 0.76 5.98
C MET A 258 -15.32 2.11 5.35
N LYS A 259 -16.24 3.05 5.46
CA LYS A 259 -16.03 4.36 4.85
C LYS A 259 -16.66 5.43 5.70
N PHE A 260 -16.03 6.60 5.68
CA PHE A 260 -16.58 7.81 6.30
C PHE A 260 -16.87 8.81 5.19
N ASN A 261 -17.78 9.74 5.44
CA ASN A 261 -18.18 10.69 4.40
C ASN A 261 -18.01 12.16 4.77
N ASP A 262 -17.31 12.42 5.88
CA ASP A 262 -17.08 13.80 6.32
C ASP A 262 -16.23 14.57 5.31
N TYR A 263 -15.40 13.83 4.57
CA TYR A 263 -14.61 14.42 3.47
C TYR A 263 -14.94 13.68 2.19
N GLU A 264 -14.96 14.41 1.08
CA GLU A 264 -15.21 13.84 -0.25
C GLU A 264 -14.15 12.80 -0.62
N GLU A 265 -14.54 11.75 -1.34
CA GLU A 265 -13.58 10.81 -1.89
C GLU A 265 -12.95 11.45 -3.14
N GLN A 266 -11.76 12.04 -2.99
CA GLN A 266 -11.13 12.73 -4.10
C GLN A 266 -9.87 12.02 -4.59
N LEU A 267 -9.75 11.92 -5.91
CA LEU A 267 -8.54 11.42 -6.55
CA LEU A 267 -8.54 11.43 -6.55
C LEU A 267 -7.60 12.62 -6.69
N VAL A 268 -6.58 12.67 -5.84
CA VAL A 268 -5.72 13.85 -5.83
C VAL A 268 -4.27 13.47 -6.09
N TYR A 269 -3.57 14.26 -6.90
CA TYR A 269 -2.14 14.06 -7.05
CA TYR A 269 -2.12 14.09 -7.07
C TYR A 269 -1.42 14.79 -5.93
N TRP A 270 -1.03 14.03 -4.92
CA TRP A 270 -0.39 14.62 -3.74
C TRP A 270 1.03 15.09 -4.09
N PRO A 271 1.39 16.31 -3.67
CA PRO A 271 2.72 16.85 -4.00
C PRO A 271 3.86 16.01 -3.43
N ARG A 272 4.94 15.87 -4.22
CA ARG A 272 6.10 15.07 -3.80
C ARG A 272 7.36 15.91 -3.55
N ASP A 273 7.22 17.21 -3.70
CA ASP A 273 8.35 18.09 -3.43
C ASP A 273 8.58 18.22 -1.93
N ASN A 274 9.82 18.49 -1.52
CA ASN A 274 10.14 18.53 -0.10
C ASN A 274 9.34 19.51 0.74
N LYS A 275 8.95 20.62 0.14
CA LYS A 275 8.18 21.64 0.86
C LYS A 275 6.75 21.20 1.20
N LEU A 276 6.13 20.44 0.31
CA LEU A 276 4.71 20.12 0.49
C LEU A 276 4.37 18.66 0.74
N LYS A 277 5.33 17.76 0.61
CA LYS A 277 5.01 16.33 0.62
C LYS A 277 4.46 15.87 1.95
N ASN A 278 4.77 16.60 3.01
CA ASN A 278 4.18 16.29 4.30
C ASN A 278 2.82 16.95 4.57
N SER A 279 2.26 17.61 3.57
CA SER A 279 0.87 18.04 3.64
C SER A 279 0.00 16.82 4.00
N GLN A 280 -0.89 17.00 4.96
CA GLN A 280 -1.63 15.88 5.53
C GLN A 280 -3.07 16.30 5.82
N ILE A 281 -4.04 15.56 5.30
CA ILE A 281 -5.45 15.86 5.59
C ILE A 281 -5.68 15.80 7.12
N SER A 282 -6.12 16.92 7.69
CA SER A 282 -6.00 17.09 9.14
C SER A 282 -7.31 17.15 9.89
N GLY A 283 -8.42 17.15 9.17
CA GLY A 283 -9.72 17.26 9.81
C GLY A 283 -10.68 16.11 9.50
N SER A 284 -10.16 15.08 8.83
CA SER A 284 -10.97 13.92 8.43
C SER A 284 -10.84 12.74 9.37
N ALA A 285 -11.94 12.01 9.52
CA ALA A 285 -11.91 10.73 10.19
C ALA A 285 -11.38 9.68 9.21
N SER A 286 -10.89 8.57 9.74
CA SER A 286 -10.33 7.54 8.87
C SER A 286 -10.39 6.15 9.47
N PHE A 287 -10.23 5.15 8.60
CA PHE A 287 -9.92 3.77 9.00
C PHE A 287 -8.51 3.42 8.54
N ILE A 288 -7.87 2.47 9.21
CA ILE A 288 -6.49 2.12 8.84
C ILE A 288 -6.15 0.74 9.38
N ASP A 289 -5.40 -0.03 8.60
CA ASP A 289 -4.93 -1.38 8.97
C ASP A 289 -6.05 -2.39 9.16
N SER A 290 -6.47 -3.03 8.07
CA SER A 290 -7.56 -4.00 8.11
C SER A 290 -7.05 -5.43 8.19
N SER A 291 -7.95 -6.36 8.51
CA SER A 291 -7.58 -7.75 8.68
C SER A 291 -8.85 -8.56 8.50
N ILE A 292 -8.74 -9.73 7.86
CA ILE A 292 -9.89 -10.53 7.43
C ILE A 292 -9.82 -11.94 8.02
N VAL A 293 -10.99 -12.53 8.29
CA VAL A 293 -11.07 -13.94 8.64
C VAL A 293 -12.44 -14.46 8.22
N GLU A 294 -12.56 -15.77 8.00
CA GLU A 294 -13.86 -16.36 7.69
C GLU A 294 -14.31 -17.24 8.84
N ASP A 295 -15.60 -17.12 9.19
CA ASP A 295 -16.18 -17.88 10.29
C ASP A 295 -16.97 -19.09 9.77
N LYS A 296 -16.59 -20.28 10.20
CA LYS A 296 -17.21 -21.52 9.69
C LYS A 296 -18.67 -21.68 10.11
N LYS A 297 -18.96 -21.37 11.36
CA LYS A 297 -20.31 -21.58 11.88
C LYS A 297 -21.36 -20.74 11.16
N SER A 298 -21.14 -19.43 11.10
CA SER A 298 -22.10 -18.52 10.48
C SER A 298 -21.91 -18.48 8.96
N GLY A 299 -20.70 -18.81 8.51
CA GLY A 299 -20.34 -18.60 7.11
C GLY A 299 -19.98 -17.16 6.77
N LYS A 300 -20.06 -16.27 7.76
CA LYS A 300 -19.77 -14.84 7.56
C LYS A 300 -18.30 -14.57 7.35
N THR A 301 -17.99 -13.54 6.56
CA THR A 301 -16.64 -13.01 6.50
C THR A 301 -16.61 -11.87 7.50
N ILE A 302 -15.51 -11.75 8.23
CA ILE A 302 -15.39 -10.74 9.27
C ILE A 302 -14.15 -9.91 8.97
N LEU A 303 -14.30 -8.59 8.99
CA LEU A 303 -13.21 -7.67 8.73
C LEU A 303 -13.13 -6.68 9.87
N LEU A 304 -11.93 -6.53 10.44
CA LEU A 304 -11.68 -5.51 11.44
C LEU A 304 -10.71 -4.47 10.89
N ALA A 305 -10.72 -3.28 11.46
CA ALA A 305 -9.73 -2.25 11.13
C ALA A 305 -9.68 -1.23 12.26
N ASP A 306 -8.61 -0.46 12.36
CA ASP A 306 -8.59 0.62 13.34
C ASP A 306 -9.50 1.73 12.86
N VAL A 307 -10.07 2.47 13.81
CA VAL A 307 -10.89 3.64 13.49
C VAL A 307 -10.30 4.85 14.16
N MET A 308 -10.12 5.91 13.38
CA MET A 308 -9.56 7.16 13.89
C MET A 308 -10.57 8.28 13.71
N PRO A 309 -10.88 8.98 14.82
CA PRO A 309 -11.77 10.15 14.72
C PRO A 309 -11.08 11.28 13.96
N ALA A 310 -11.83 12.32 13.61
CA ALA A 310 -11.35 13.43 12.80
C ALA A 310 -10.04 14.00 13.32
N GLY A 311 -9.06 14.11 12.44
CA GLY A 311 -7.76 14.67 12.77
C GLY A 311 -6.87 13.83 13.66
N ILE A 312 -7.25 12.58 13.89
CA ILE A 312 -6.51 11.69 14.80
C ILE A 312 -5.77 10.58 14.07
N GLY A 313 -4.57 10.26 14.57
CA GLY A 313 -3.77 9.14 14.10
C GLY A 313 -3.00 8.57 15.26
N ASN A 314 -2.11 7.62 15.02
CA ASN A 314 -1.40 7.01 16.15
C ASN A 314 -0.56 8.04 16.90
N ASN A 315 -0.11 9.07 16.19
CA ASN A 315 0.76 10.11 16.74
C ASN A 315 0.13 10.96 17.85
N ASN A 316 -1.16 11.27 17.71
CA ASN A 316 -1.79 12.19 18.66
C ASN A 316 -2.97 11.58 19.39
N ALA A 317 -3.20 10.29 19.18
CA ALA A 317 -4.28 9.58 19.87
C ALA A 317 -4.03 9.63 21.38
N ASN A 318 -5.06 9.90 22.16
CA ASN A 318 -4.91 9.96 23.61
C ASN A 318 -4.60 8.56 24.16
N LYS A 319 -3.36 8.37 24.61
CA LYS A 319 -2.91 7.06 25.11
C LYS A 319 -3.52 6.68 26.46
N ALA A 320 -4.04 7.65 27.18
CA ALA A 320 -4.53 7.42 28.54
C ALA A 320 -6.05 7.34 28.65
N ASP A 321 -6.74 7.10 27.53
CA ASP A 321 -8.20 7.09 27.51
C ASP A 321 -8.70 6.12 26.45
N SER A 322 -9.55 5.18 26.86
CA SER A 322 -10.12 4.21 25.92
C SER A 322 -11.27 4.80 25.12
N GLY A 323 -11.79 5.94 25.57
CA GLY A 323 -12.98 6.51 24.94
C GLY A 323 -14.28 5.88 25.43
N PHE A 324 -14.16 4.94 26.37
CA PHE A 324 -15.34 4.30 26.95
C PHE A 324 -15.41 4.55 28.45
N LYS A 325 -16.63 4.67 28.98
CA LYS A 325 -16.82 4.75 30.43
C LYS A 325 -17.25 3.39 30.94
N GLU A 326 -16.64 2.94 32.04
CA GLU A 326 -16.96 1.63 32.60
C GLU A 326 -18.09 1.76 33.61
N ILE A 327 -19.08 0.88 33.49
CA ILE A 327 -20.21 0.84 34.42
C ILE A 327 -20.66 -0.60 34.67
N ASN A 328 -20.49 -1.07 35.90
CA ASN A 328 -20.94 -2.41 36.31
C ASN A 328 -20.37 -3.56 35.47
N GLY A 329 -19.24 -3.33 34.82
CA GLY A 329 -18.70 -4.33 33.92
C GLY A 329 -19.24 -4.16 32.52
N HIS A 330 -19.85 -3.00 32.25
CA HIS A 330 -20.29 -2.65 30.91
C HIS A 330 -19.58 -1.38 30.44
N TYR A 331 -19.19 -1.37 29.17
CA TYR A 331 -18.48 -0.22 28.61
C TYR A 331 -19.36 0.58 27.66
N TYR A 332 -19.40 1.90 27.86
CA TYR A 332 -20.23 2.78 27.06
C TYR A 332 -19.41 3.88 26.40
N LEU A 333 -19.63 4.07 25.10
CA LEU A 333 -18.90 5.10 24.34
C LEU A 333 -19.19 6.48 24.90
N LYS A 334 -18.13 7.22 25.26
CA LYS A 334 -18.30 8.58 25.79
C LYS A 334 -18.49 9.59 24.65
N LEU A 335 -19.23 10.66 24.92
CA LEU A 335 -19.43 11.72 23.93
C LEU A 335 -19.28 13.11 24.58
N LYS A 336 -18.75 14.05 23.80
CA LYS A 336 -18.63 15.44 24.25
C LYS A 336 -19.53 16.28 23.35
N LYS A 337 -20.39 17.09 23.95
CA LYS A 337 -21.31 17.91 23.18
C LYS A 337 -20.74 19.30 22.92
N ASN A 338 -21.09 19.86 21.75
CA ASN A 338 -20.69 21.22 21.35
C ASN A 338 -20.80 22.21 22.50
N GLY A 339 -19.68 22.82 22.86
CA GLY A 339 -19.66 23.84 23.90
C GLY A 339 -19.20 23.35 25.26
N ASP A 340 -19.31 22.05 25.49
CA ASP A 340 -18.87 21.47 26.76
C ASP A 340 -17.37 21.33 26.76
N ASN A 341 -16.79 21.33 27.96
CA ASN A 341 -15.36 21.14 28.11
C ASN A 341 -15.03 19.74 28.58
N ASP A 342 -16.06 19.00 28.99
CA ASP A 342 -15.90 17.61 29.41
C ASP A 342 -16.73 16.69 28.52
N PHE A 343 -16.48 15.38 28.65
CA PHE A 343 -17.32 14.38 28.02
C PHE A 343 -18.45 14.03 29.00
N ARG A 344 -19.60 14.69 28.86
CA ARG A 344 -20.67 14.53 29.82
C ARG A 344 -21.77 13.57 29.37
N TYR A 345 -21.51 12.86 28.27
CA TYR A 345 -22.50 11.94 27.74
C TYR A 345 -21.95 10.54 27.46
N THR A 346 -22.85 9.58 27.38
CA THR A 346 -22.53 8.21 26.99
C THR A 346 -23.59 7.70 26.03
N VAL A 347 -23.20 6.70 25.24
CA VAL A 347 -24.12 6.01 24.35
C VAL A 347 -24.47 4.68 25.01
N ARG A 348 -25.74 4.49 25.36
CA ARG A 348 -26.18 3.25 25.99
C ARG A 348 -26.88 2.33 25.01
N GLU A 349 -27.55 1.32 25.54
CA GLU A 349 -28.22 0.32 24.72
C GLU A 349 -29.28 0.97 23.83
N ASN A 350 -29.44 0.41 22.63
CA ASN A 350 -30.31 0.96 21.59
C ASN A 350 -29.91 2.37 21.14
N GLY A 351 -28.65 2.72 21.39
CA GLY A 351 -28.07 3.95 20.89
C GLY A 351 -28.51 5.22 21.58
N VAL A 352 -29.10 5.08 22.77
CA VAL A 352 -29.61 6.25 23.50
C VAL A 352 -28.50 7.12 24.08
N VAL A 353 -28.50 8.40 23.71
CA VAL A 353 -27.52 9.33 24.28
C VAL A 353 -27.97 9.76 25.67
N TYR A 354 -27.09 9.51 26.64
CA TYR A 354 -27.41 9.66 28.05
CA TYR A 354 -27.41 9.67 28.06
C TYR A 354 -26.53 10.73 28.68
N ASN A 355 -27.14 11.61 29.47
CA ASN A 355 -26.40 12.68 30.15
C ASN A 355 -25.87 12.19 31.50
N GLU A 356 -24.54 12.16 31.65
CA GLU A 356 -23.92 11.63 32.87
C GLU A 356 -24.00 12.58 34.07
N THR A 357 -24.12 13.87 33.81
CA THR A 357 -24.16 14.87 34.87
C THR A 357 -25.50 14.87 35.61
N THR A 358 -26.53 14.36 34.97
CA THR A 358 -27.87 14.33 35.54
C THR A 358 -28.49 12.94 35.47
N ASN A 359 -27.76 12.00 34.87
CA ASN A 359 -28.22 10.62 34.74
C ASN A 359 -29.57 10.49 34.03
N LYS A 360 -29.80 11.37 33.07
CA LYS A 360 -31.03 11.36 32.28
C LYS A 360 -30.72 11.06 30.81
N PRO A 361 -31.61 10.30 30.15
CA PRO A 361 -31.47 10.15 28.70
C PRO A 361 -31.88 11.45 27.99
N THR A 362 -31.31 11.70 26.82
CA THR A 362 -31.59 12.92 26.07
C THR A 362 -32.53 12.57 24.94
N ASN A 363 -32.85 13.55 24.10
CA ASN A 363 -33.64 13.25 22.92
C ASN A 363 -32.75 12.91 21.72
N TYR A 364 -31.49 12.57 21.99
CA TYR A 364 -30.59 12.13 20.93
C TYR A 364 -30.33 10.62 20.97
N THR A 365 -30.22 10.03 19.78
CA THR A 365 -29.81 8.65 19.64
C THR A 365 -28.68 8.53 18.62
N ILE A 366 -27.89 7.46 18.76
CA ILE A 366 -26.86 7.13 17.80
C ILE A 366 -27.35 5.89 17.04
N ASN A 367 -27.44 5.98 15.72
CA ASN A 367 -27.89 4.81 14.98
C ASN A 367 -26.76 3.80 14.80
N ASP A 368 -27.02 2.76 14.01
CA ASP A 368 -26.05 1.68 13.81
CA ASP A 368 -26.04 1.69 13.84
C ASP A 368 -24.86 2.12 12.97
N LYS A 369 -24.98 3.28 12.32
CA LYS A 369 -23.87 3.81 11.53
C LYS A 369 -23.11 4.89 12.29
N TYR A 370 -23.34 4.96 13.60
CA TYR A 370 -22.75 5.97 14.48
C TYR A 370 -23.11 7.39 14.07
N GLU A 371 -24.30 7.52 13.48
CA GLU A 371 -24.83 8.81 13.11
C GLU A 371 -25.77 9.35 14.18
N VAL A 372 -25.84 10.68 14.27
CA VAL A 372 -26.60 11.34 15.31
C VAL A 372 -28.03 11.64 14.83
N LEU A 373 -29.01 11.21 15.62
CA LEU A 373 -30.41 11.51 15.38
C LEU A 373 -30.93 12.38 16.53
N GLU A 374 -31.80 13.34 16.21
CA GLU A 374 -32.53 14.05 17.26
C GLU A 374 -34.01 13.75 17.06
N GLY A 375 -34.62 13.12 18.06
CA GLY A 375 -36.02 12.72 17.98
C GLY A 375 -36.31 11.81 16.80
N GLY A 376 -35.36 10.94 16.47
CA GLY A 376 -35.53 10.01 15.37
C GLY A 376 -35.21 10.61 14.02
N LYS A 377 -34.84 11.89 14.03
CA LYS A 377 -34.57 12.64 12.81
C LYS A 377 -33.06 12.80 12.58
N SER A 378 -32.62 12.58 11.36
CA SER A 378 -31.18 12.59 11.04
C SER A 378 -30.57 13.98 11.00
N LEU A 379 -29.54 14.21 11.81
CA LEU A 379 -28.79 15.46 11.70
C LEU A 379 -27.73 15.30 10.63
N THR A 380 -27.24 16.42 10.09
CA THR A 380 -26.27 16.41 9.00
C THR A 380 -25.13 17.36 9.31
N VAL A 381 -24.03 17.21 8.56
CA VAL A 381 -22.96 18.22 8.59
C VAL A 381 -22.57 18.48 7.16
N GLU A 382 -21.88 19.59 6.93
CA GLU A 382 -21.41 19.91 5.59
C GLU A 382 -20.07 19.21 5.35
N GLN A 383 -19.94 18.61 4.17
CA GLN A 383 -18.74 17.84 3.80
C GLN A 383 -17.58 18.78 3.46
N TYR A 384 -16.35 18.26 3.56
CA TYR A 384 -15.17 19.02 3.16
C TYR A 384 -14.57 18.41 1.90
N SER A 385 -13.93 19.25 1.10
CA SER A 385 -13.06 18.79 0.01
C SER A 385 -11.66 19.36 0.26
N VAL A 386 -10.65 18.77 -0.38
CA VAL A 386 -9.29 19.30 -0.26
C VAL A 386 -8.78 19.77 -1.62
N ASP A 387 -7.88 20.74 -1.62
CA ASP A 387 -7.25 21.23 -2.86
C ASP A 387 -5.93 21.91 -2.56
N PHE A 388 -5.04 21.96 -3.55
CA PHE A 388 -3.79 22.70 -3.45
C PHE A 388 -3.78 23.91 -4.39
N ASP A 389 -4.96 24.44 -4.70
CA ASP A 389 -5.07 25.56 -5.64
C ASP A 389 -4.38 26.83 -5.13
N SER A 390 -4.31 26.98 -3.82
CA SER A 390 -3.71 28.17 -3.20
C SER A 390 -2.18 28.06 -3.16
N GLY A 391 -1.67 26.85 -3.39
CA GLY A 391 -0.24 26.62 -3.29
C GLY A 391 0.11 25.90 -2.00
N SER A 392 -0.92 25.62 -1.20
CA SER A 392 -0.76 24.77 -0.02
C SER A 392 -2.08 24.04 0.22
N LEU A 393 -2.09 23.10 1.16
CA LEU A 393 -3.29 22.27 1.34
C LEU A 393 -4.37 23.08 2.05
N ARG A 394 -5.56 23.06 1.48
CA ARG A 394 -6.70 23.73 2.05
C ARG A 394 -7.82 22.71 2.20
N GLU A 395 -8.49 22.71 3.35
CA GLU A 395 -9.62 21.82 3.58
C GLU A 395 -10.83 22.71 3.84
N ARG A 396 -11.84 22.62 2.98
CA ARG A 396 -12.95 23.56 3.10
C ARG A 396 -14.29 22.96 2.71
N HIS A 397 -15.32 23.50 3.33
CA HIS A 397 -16.69 23.04 3.10
C HIS A 397 -17.07 23.09 1.62
N ASN A 398 -17.81 22.09 1.15
CA ASN A 398 -18.10 21.98 -0.27
C ASN A 398 -19.57 22.08 -0.66
N GLY A 399 -20.43 22.38 0.30
CA GLY A 399 -21.85 22.62 0.02
C GLY A 399 -22.74 21.42 0.15
N LYS A 400 -22.15 20.24 0.31
CA LYS A 400 -22.92 19.00 0.39
C LYS A 400 -23.14 18.58 1.84
N GLN A 401 -24.38 18.23 2.17
CA GLN A 401 -24.69 17.74 3.51
C GLN A 401 -24.60 16.22 3.55
N VAL A 402 -24.06 15.70 4.64
CA VAL A 402 -23.92 14.25 4.84
C VAL A 402 -24.35 13.94 6.27
N PRO A 403 -24.75 12.68 6.54
CA PRO A 403 -25.20 12.35 7.89
C PRO A 403 -24.15 12.68 8.95
N MET A 404 -24.58 13.31 10.04
CA MET A 404 -23.69 13.68 11.12
C MET A 404 -23.22 12.43 11.88
N ASN A 405 -21.90 12.23 11.96
CA ASN A 405 -21.35 11.02 12.59
C ASN A 405 -20.50 11.42 13.78
N VAL A 406 -20.57 10.66 14.88
CA VAL A 406 -19.83 11.04 16.08
C VAL A 406 -18.30 11.02 15.91
N PHE A 407 -17.81 10.46 14.83
CA PHE A 407 -16.37 10.47 14.55
C PHE A 407 -15.94 11.70 13.76
N TYR A 408 -16.88 12.59 13.45
CA TYR A 408 -16.60 13.75 12.59
C TYR A 408 -16.19 15.01 13.37
N LYS A 409 -15.40 15.87 12.73
CA LYS A 409 -15.00 17.13 13.34
C LYS A 409 -16.19 18.06 13.61
N ASP A 410 -17.17 18.08 12.70
CA ASP A 410 -18.28 19.04 12.76
C ASP A 410 -19.50 18.51 13.53
N SER A 411 -19.37 17.34 14.14
CA SER A 411 -20.52 16.72 14.82
C SER A 411 -20.91 17.41 16.13
N LEU A 412 -22.21 17.42 16.41
CA LEU A 412 -22.76 17.92 17.68
C LEU A 412 -22.21 17.14 18.87
N PHE A 413 -22.11 15.82 18.71
CA PHE A 413 -21.51 14.95 19.72
C PHE A 413 -20.27 14.30 19.13
N LYS A 414 -19.17 14.32 19.88
CA LYS A 414 -17.89 13.82 19.37
C LYS A 414 -17.27 12.80 20.31
N VAL A 415 -16.68 11.76 19.74
CA VAL A 415 -16.00 10.76 20.57
C VAL A 415 -14.67 11.26 21.08
N THR A 416 -14.12 10.54 22.06
CA THR A 416 -12.79 10.83 22.59
C THR A 416 -11.78 10.72 21.45
N PRO A 417 -10.82 11.67 21.39
CA PRO A 417 -9.85 11.64 20.29
C PRO A 417 -8.77 10.60 20.53
N THR A 418 -9.12 9.34 20.31
CA THR A 418 -8.19 8.24 20.50
C THR A 418 -8.48 7.19 19.43
N ASN A 419 -7.71 6.11 19.40
CA ASN A 419 -7.88 5.08 18.38
C ASN A 419 -8.78 3.94 18.86
N TYR A 420 -9.62 3.41 17.97
CA TYR A 420 -10.55 2.32 18.29
C TYR A 420 -10.33 1.17 17.33
N ILE A 421 -10.96 0.03 17.60
CA ILE A 421 -11.06 -1.04 16.62
C ILE A 421 -12.53 -1.28 16.31
N ALA A 422 -12.86 -1.44 15.03
CA ALA A 422 -14.22 -1.76 14.61
C ALA A 422 -14.23 -3.07 13.85
N MET A 423 -15.39 -3.71 13.80
CA MET A 423 -15.56 -4.88 12.93
C MET A 423 -16.79 -4.71 12.04
N THR A 424 -16.75 -5.33 10.86
CA THR A 424 -17.92 -5.40 9.99
C THR A 424 -18.01 -6.82 9.47
N THR A 425 -19.17 -7.21 8.96
CA THR A 425 -19.32 -8.57 8.48
C THR A 425 -19.97 -8.58 7.09
N SER A 426 -19.72 -9.64 6.34
CA SER A 426 -20.39 -9.83 5.07
C SER A 426 -21.08 -11.19 5.06
N GLN A 427 -22.31 -11.23 4.55
CA GLN A 427 -23.08 -12.45 4.43
C GLN A 427 -22.97 -13.01 3.03
N ASN A 428 -22.29 -12.27 2.16
CA ASN A 428 -22.24 -12.68 0.76
C ASN A 428 -20.81 -12.68 0.23
N ARG A 429 -19.88 -13.00 1.13
CA ARG A 429 -18.46 -13.17 0.78
C ARG A 429 -17.91 -11.95 0.07
N GLY A 430 -18.22 -10.77 0.61
CA GLY A 430 -17.58 -9.55 0.17
C GLY A 430 -18.29 -8.79 -0.93
N GLU A 431 -19.52 -9.18 -1.26
CA GLU A 431 -20.33 -8.39 -2.20
C GLU A 431 -20.92 -7.15 -1.53
N SER A 432 -21.13 -7.21 -0.22
CA SER A 432 -21.55 -6.07 0.57
C SER A 432 -21.10 -6.26 2.01
N TRP A 433 -20.91 -5.14 2.72
CA TRP A 433 -20.50 -5.20 4.11
C TRP A 433 -21.51 -4.48 5.00
N GLU A 434 -21.71 -5.01 6.19
CA GLU A 434 -22.63 -4.40 7.14
C GLU A 434 -22.05 -3.13 7.68
N GLN A 435 -22.86 -2.41 8.45
CA GLN A 435 -22.37 -1.26 9.19
C GLN A 435 -21.46 -1.76 10.33
N PHE A 436 -20.36 -1.05 10.53
CA PHE A 436 -19.35 -1.50 11.49
C PHE A 436 -19.81 -1.27 12.93
N LYS A 437 -19.34 -2.11 13.85
CA LYS A 437 -19.54 -1.87 15.28
C LYS A 437 -18.18 -1.76 15.94
N LEU A 438 -18.08 -0.91 16.96
CA LEU A 438 -16.82 -0.76 17.68
C LEU A 438 -16.64 -1.96 18.60
N LEU A 439 -15.42 -2.49 18.67
CA LEU A 439 -15.07 -3.49 19.69
C LEU A 439 -14.94 -2.79 21.03
N PRO A 440 -15.19 -3.53 22.13
CA PRO A 440 -15.06 -2.90 23.45
C PRO A 440 -13.58 -2.73 23.83
N PRO A 441 -13.30 -1.95 24.88
CA PRO A 441 -11.88 -1.81 25.25
C PRO A 441 -11.44 -3.06 26.01
N PHE A 442 -10.16 -3.43 25.88
CA PHE A 442 -9.68 -4.67 26.49
C PHE A 442 -8.68 -4.47 27.61
N LEU A 443 -8.13 -3.27 27.71
CA LEU A 443 -7.06 -2.98 28.67
C LEU A 443 -7.48 -1.87 29.64
N GLY A 444 -8.78 -1.76 29.87
CA GLY A 444 -9.28 -0.82 30.85
C GLY A 444 -9.65 0.57 30.35
N GLU A 445 -10.22 1.34 31.26
CA GLU A 445 -10.80 2.66 30.98
C GLU A 445 -9.76 3.66 30.49
N LYS A 446 -8.58 3.60 31.09
CA LYS A 446 -7.58 4.64 30.92
C LYS A 446 -6.41 4.22 30.02
N HIS A 447 -6.72 3.40 29.02
CA HIS A 447 -5.72 2.90 28.08
C HIS A 447 -6.32 3.02 26.69
N ASN A 448 -5.58 3.58 25.73
CA ASN A 448 -6.11 3.66 24.38
C ASN A 448 -6.25 2.28 23.76
N GLY A 449 -6.90 2.19 22.61
CA GLY A 449 -7.09 0.90 21.95
C GLY A 449 -5.79 0.28 21.51
N THR A 450 -5.80 -1.04 21.35
CA THR A 450 -4.66 -1.72 20.75
C THR A 450 -4.72 -1.48 19.26
N TYR A 451 -3.63 -1.81 18.57
CA TYR A 451 -3.57 -1.61 17.13
C TYR A 451 -3.70 -2.95 16.42
N LEU A 452 -4.64 -3.02 15.49
CA LEU A 452 -4.89 -4.26 14.78
C LEU A 452 -3.70 -4.63 13.91
N CYS A 453 -3.35 -5.91 13.90
CA CYS A 453 -2.29 -6.39 13.03
C CYS A 453 -2.91 -6.64 11.67
N PRO A 454 -2.42 -5.91 10.66
CA PRO A 454 -3.08 -6.05 9.35
C PRO A 454 -2.78 -7.38 8.69
N GLY A 455 -3.73 -7.84 7.90
CA GLY A 455 -3.56 -9.07 7.16
C GLY A 455 -4.72 -10.01 7.37
N GLN A 456 -4.44 -11.16 7.98
CA GLN A 456 -5.46 -12.14 8.23
C GLN A 456 -5.67 -12.33 9.72
N GLY A 457 -6.88 -12.68 10.10
CA GLY A 457 -7.12 -13.24 11.43
C GLY A 457 -6.94 -14.73 11.27
N LEU A 458 -7.12 -15.49 12.34
CA LEU A 458 -6.93 -16.93 12.29
C LEU A 458 -8.22 -17.64 12.67
N ALA A 459 -8.70 -18.51 11.80
CA ALA A 459 -9.84 -19.37 12.11
C ALA A 459 -9.28 -20.76 12.37
N LEU A 460 -9.33 -21.21 13.62
CA LEU A 460 -8.77 -22.51 13.97
C LEU A 460 -9.51 -23.61 13.21
N LYS A 461 -8.77 -24.57 12.68
CA LYS A 461 -9.39 -25.54 11.78
C LYS A 461 -10.41 -26.45 12.48
N SER A 462 -10.12 -26.80 13.74
CA SER A 462 -10.91 -27.82 14.45
C SER A 462 -11.97 -27.27 15.40
N SER A 463 -12.22 -25.96 15.35
CA SER A 463 -13.26 -25.37 16.20
C SER A 463 -13.82 -24.12 15.57
N ASN A 464 -14.64 -23.39 16.32
CA ASN A 464 -15.21 -22.15 15.81
C ASN A 464 -14.42 -20.93 16.30
N ARG A 465 -13.25 -21.16 16.87
CA ARG A 465 -12.48 -20.07 17.44
C ARG A 465 -11.84 -19.16 16.38
N LEU A 466 -12.01 -17.85 16.59
CA LEU A 466 -11.45 -16.82 15.73
C LEU A 466 -10.48 -16.00 16.55
N ILE A 467 -9.31 -15.70 15.98
CA ILE A 467 -8.31 -14.88 16.67
C ILE A 467 -7.81 -13.77 15.75
N PHE A 468 -7.81 -12.55 16.27
CA PHE A 468 -7.16 -11.42 15.60
C PHE A 468 -6.05 -10.93 16.52
N ALA A 469 -4.83 -10.90 16.01
CA ALA A 469 -3.70 -10.34 16.77
C ALA A 469 -3.78 -8.82 16.73
N THR A 470 -3.46 -8.17 17.86
CA THR A 470 -3.29 -6.73 17.91
C THR A 470 -2.05 -6.46 18.72
N TYR A 471 -1.55 -5.22 18.69
CA TYR A 471 -0.37 -4.91 19.50
C TYR A 471 -0.53 -3.60 20.26
N THR A 472 0.20 -3.47 21.37
CA THR A 472 0.28 -2.19 22.06
C THR A 472 1.64 -2.15 22.72
N SER A 473 1.94 -1.10 23.47
CA SER A 473 3.25 -1.04 24.12
C SER A 473 3.46 -2.24 25.03
N GLY A 474 4.54 -2.98 24.79
CA GLY A 474 4.95 -4.06 25.68
C GLY A 474 4.24 -5.40 25.54
N GLU A 475 3.28 -5.52 24.62
CA GLU A 475 2.62 -6.81 24.43
C GLU A 475 1.91 -6.99 23.09
N LEU A 476 1.72 -8.26 22.73
CA LEU A 476 0.70 -8.61 21.75
C LEU A 476 -0.58 -8.87 22.53
N THR A 477 -1.70 -8.38 22.00
CA THR A 477 -2.98 -8.56 22.64
C THR A 477 -3.87 -9.29 21.65
N TYR A 478 -3.99 -10.60 21.81
CA TYR A 478 -4.83 -11.40 20.91
C TYR A 478 -6.29 -11.26 21.28
N LEU A 479 -7.13 -11.00 20.29
CA LEU A 479 -8.57 -10.87 20.50
C LEU A 479 -9.21 -12.18 20.07
N ILE A 480 -9.92 -12.82 20.99
CA ILE A 480 -10.46 -14.17 20.73
C ILE A 480 -11.99 -14.18 20.79
N SER A 481 -12.63 -14.72 19.76
CA SER A 481 -14.07 -14.93 19.78
C SER A 481 -14.41 -16.38 19.43
N ASP A 482 -15.36 -16.96 20.16
CA ASP A 482 -15.84 -18.30 19.85
C ASP A 482 -17.28 -18.27 19.36
N ASP A 483 -17.83 -17.07 19.21
CA ASP A 483 -19.24 -16.94 18.81
C ASP A 483 -19.44 -16.02 17.61
N SER A 484 -18.63 -16.25 16.57
CA SER A 484 -18.76 -15.54 15.31
C SER A 484 -18.50 -14.03 15.46
N GLY A 485 -17.62 -13.67 16.39
CA GLY A 485 -17.29 -12.26 16.56
C GLY A 485 -18.33 -11.45 17.31
N GLN A 486 -19.30 -12.11 17.94
CA GLN A 486 -20.29 -11.41 18.74
C GLN A 486 -19.71 -10.88 20.05
N THR A 487 -18.87 -11.70 20.68
CA THR A 487 -18.18 -11.27 21.90
C THR A 487 -16.70 -11.61 21.80
N TRP A 488 -15.86 -10.79 22.43
CA TRP A 488 -14.42 -10.96 22.38
C TRP A 488 -13.79 -10.89 23.75
N LYS A 489 -12.72 -11.65 23.93
CA LYS A 489 -11.89 -11.54 25.13
C LYS A 489 -10.45 -11.42 24.67
N LYS A 490 -9.59 -10.88 25.52
CA LYS A 490 -8.19 -10.76 25.14
C LYS A 490 -7.34 -11.85 25.75
N SER A 491 -6.25 -12.16 25.05
CA SER A 491 -5.19 -12.97 25.62
C SER A 491 -3.90 -12.20 25.42
N SER A 492 -3.32 -11.73 26.52
CA SER A 492 -2.11 -10.90 26.45
C SER A 492 -0.85 -11.75 26.46
N ALA A 493 0.12 -11.36 25.62
CA ALA A 493 1.42 -12.01 25.57
C ALA A 493 2.53 -10.96 25.61
N SER A 494 3.23 -10.89 26.74
CA SER A 494 4.29 -9.89 26.89
C SER A 494 5.41 -10.08 25.85
N ILE A 495 5.91 -8.96 25.34
CA ILE A 495 7.07 -8.99 24.45
C ILE A 495 8.15 -8.02 24.99
N PRO A 496 9.44 -8.34 24.76
CA PRO A 496 10.52 -7.59 25.42
C PRO A 496 10.96 -6.29 24.74
N PHE A 497 10.08 -5.65 23.98
CA PHE A 497 10.36 -4.33 23.44
C PHE A 497 9.22 -3.42 23.84
N LYS A 498 9.54 -2.18 24.22
CA LYS A 498 8.51 -1.16 24.33
C LYS A 498 8.52 -0.38 23.02
N ASN A 499 7.43 0.31 22.73
CA ASN A 499 7.34 1.18 21.55
C ASN A 499 7.48 0.47 20.20
N ALA A 500 7.13 -0.82 20.15
CA ALA A 500 7.27 -1.58 18.91
C ALA A 500 5.99 -1.53 18.09
N THR A 501 6.15 -1.44 16.78
CA THR A 501 5.04 -1.68 15.87
C THR A 501 5.02 -3.17 15.64
N ALA A 502 4.46 -3.91 16.61
CA ALA A 502 4.61 -5.35 16.64
C ALA A 502 3.53 -6.04 15.82
N GLU A 503 3.53 -5.75 14.52
CA GLU A 503 2.57 -6.35 13.60
C GLU A 503 2.82 -7.85 13.52
N ALA A 504 1.78 -8.62 13.83
CA ALA A 504 1.90 -10.05 14.05
C ALA A 504 0.96 -10.80 13.13
N GLN A 505 1.42 -11.90 12.55
CA GLN A 505 0.54 -12.80 11.79
C GLN A 505 0.73 -14.24 12.26
N MET A 506 -0.35 -15.01 12.22
CA MET A 506 -0.36 -16.35 12.80
C MET A 506 -0.52 -17.47 11.79
N VAL A 507 0.08 -18.62 12.10
CA VAL A 507 -0.22 -19.86 11.37
C VAL A 507 -0.55 -20.95 12.36
N GLU A 508 -1.44 -21.87 11.97
CA GLU A 508 -1.71 -23.03 12.79
C GLU A 508 -0.79 -24.16 12.30
N LEU A 509 0.23 -24.50 13.09
CA LEU A 509 1.17 -25.57 12.70
C LEU A 509 0.48 -26.93 12.68
N ARG A 510 -0.37 -27.15 13.67
CA ARG A 510 -1.25 -28.32 13.72
C ARG A 510 -2.36 -27.97 14.68
N ASP A 511 -3.36 -28.85 14.81
CA ASP A 511 -4.53 -28.57 15.64
CA ASP A 511 -4.53 -28.61 15.66
C ASP A 511 -4.20 -27.98 17.01
N GLY A 512 -4.67 -26.76 17.23
CA GLY A 512 -4.48 -26.06 18.50
C GLY A 512 -3.11 -25.42 18.74
N VAL A 513 -2.17 -25.66 17.82
CA VAL A 513 -0.82 -25.13 17.95
C VAL A 513 -0.61 -23.94 17.01
N ILE A 514 -0.49 -22.75 17.56
CA ILE A 514 -0.38 -21.51 16.77
C ILE A 514 1.01 -20.90 16.89
N ARG A 515 1.67 -20.64 15.76
CA ARG A 515 2.90 -19.86 15.82
C ARG A 515 2.61 -18.49 15.23
N THR A 516 3.01 -17.46 15.97
CA THR A 516 2.83 -16.09 15.53
C THR A 516 4.19 -15.52 15.14
N PHE A 517 4.27 -14.93 13.96
CA PHE A 517 5.47 -14.25 13.51
C PHE A 517 5.25 -12.75 13.56
N PHE A 518 6.21 -12.00 14.11
CA PHE A 518 5.97 -10.57 14.26
C PHE A 518 7.16 -9.63 14.10
N ARG A 519 6.82 -8.41 13.70
CA ARG A 519 7.77 -7.31 13.52
C ARG A 519 8.29 -6.85 14.87
N THR A 520 9.57 -6.51 14.92
CA THR A 520 10.19 -6.03 16.17
C THR A 520 10.99 -4.75 15.93
N THR A 521 11.73 -4.35 16.95
CA THR A 521 12.64 -3.21 16.84
C THR A 521 14.09 -3.69 16.86
N THR A 522 14.30 -4.99 16.69
CA THR A 522 15.63 -5.59 16.81
C THR A 522 16.35 -5.89 15.51
N GLY A 523 15.67 -5.75 14.38
CA GLY A 523 16.23 -6.12 13.10
C GLY A 523 15.99 -7.58 12.73
N LYS A 524 15.35 -8.32 13.63
CA LYS A 524 14.98 -9.70 13.37
C LYS A 524 13.49 -9.88 13.58
N ILE A 525 12.88 -10.75 12.76
CA ILE A 525 11.50 -11.13 12.95
C ILE A 525 11.46 -12.06 14.16
N ALA A 526 10.46 -11.87 15.03
CA ALA A 526 10.32 -12.68 16.24
C ALA A 526 9.17 -13.68 16.07
N TYR A 527 9.09 -14.62 16.99
CA TYR A 527 7.94 -15.50 17.04
C TYR A 527 7.64 -16.01 18.45
N MET A 528 6.40 -16.44 18.65
CA MET A 528 6.00 -17.11 19.89
C MET A 528 5.00 -18.19 19.52
N THR A 529 4.74 -19.10 20.45
CA THR A 529 3.88 -20.25 20.17
C THR A 529 2.84 -20.44 21.25
N SER A 530 1.63 -20.82 20.83
CA SER A 530 0.57 -21.25 21.74
C SER A 530 0.26 -22.69 21.44
N ARG A 531 0.03 -23.49 22.47
CA ARG A 531 -0.34 -24.89 22.29
C ARG A 531 -1.71 -25.17 22.85
N ASP A 532 -2.44 -24.10 23.16
CA ASP A 532 -3.77 -24.23 23.73
C ASP A 532 -4.76 -23.29 23.03
N SER A 533 -4.63 -23.20 21.71
CA SER A 533 -5.56 -22.43 20.89
C SER A 533 -5.62 -20.95 21.27
N GLY A 534 -4.48 -20.39 21.68
CA GLY A 534 -4.39 -18.97 21.97
C GLY A 534 -4.61 -18.55 23.41
N GLU A 535 -4.90 -19.49 24.31
CA GLU A 535 -5.09 -19.14 25.73
C GLU A 535 -3.79 -18.62 26.36
N THR A 536 -2.70 -19.35 26.15
CA THR A 536 -1.40 -18.95 26.71
C THR A 536 -0.32 -18.94 25.63
N TRP A 537 0.78 -18.23 25.90
CA TRP A 537 1.83 -18.00 24.91
C TRP A 537 3.24 -18.19 25.44
N SER A 538 4.14 -18.68 24.59
CA SER A 538 5.52 -18.93 24.96
C SER A 538 6.30 -17.64 25.06
N LYS A 539 7.56 -17.74 25.48
CA LYS A 539 8.42 -16.57 25.43
C LYS A 539 8.82 -16.33 23.97
N VAL A 540 9.47 -15.22 23.70
CA VAL A 540 9.74 -14.80 22.32
C VAL A 540 11.07 -15.33 21.79
N SER A 541 11.05 -15.87 20.57
CA SER A 541 12.28 -16.28 19.89
C SER A 541 12.46 -15.43 18.63
N TYR A 542 13.64 -15.54 18.02
CA TYR A 542 13.91 -14.76 16.81
C TYR A 542 14.36 -15.65 15.68
N ILE A 543 13.98 -15.26 14.46
CA ILE A 543 14.43 -15.96 13.27
C ILE A 543 15.81 -15.44 12.81
N ASP A 544 16.75 -16.37 12.63
CA ASP A 544 18.01 -16.05 11.97
C ASP A 544 17.85 -16.36 10.50
N GLY A 545 18.55 -15.64 9.64
CA GLY A 545 18.50 -15.94 8.23
C GLY A 545 17.68 -14.94 7.44
N ILE A 546 16.94 -14.10 8.15
CA ILE A 546 16.22 -13.00 7.52
C ILE A 546 16.57 -11.72 8.27
N GLN A 547 16.85 -10.66 7.53
CA GLN A 547 17.15 -9.37 8.15
C GLN A 547 16.05 -8.37 7.88
N GLN A 548 15.72 -7.57 8.89
CA GLN A 548 14.85 -6.43 8.69
C GLN A 548 15.59 -5.19 9.18
N THR A 549 15.00 -4.04 8.94
CA THR A 549 15.58 -2.80 9.44
C THR A 549 15.28 -2.68 10.92
N SER A 550 15.88 -1.66 11.56
CA SER A 550 15.62 -1.40 12.97
C SER A 550 14.14 -1.14 13.27
N TYR A 551 13.45 -0.49 12.34
CA TYR A 551 12.04 -0.18 12.57
C TYR A 551 11.13 -1.34 12.15
N GLY A 552 11.61 -2.15 11.21
CA GLY A 552 10.91 -3.38 10.84
C GLY A 552 9.79 -3.16 9.83
N THR A 553 9.23 -4.27 9.36
CA THR A 553 8.17 -4.23 8.36
C THR A 553 7.20 -5.37 8.69
N GLN A 554 5.93 -5.15 8.40
CA GLN A 554 4.94 -6.24 8.48
C GLN A 554 5.44 -7.50 7.76
N VAL A 555 5.19 -8.66 8.37
CA VAL A 555 5.47 -9.96 7.75
C VAL A 555 4.16 -10.76 7.58
N SER A 556 3.95 -11.33 6.40
CA SER A 556 2.77 -12.16 6.23
C SER A 556 3.20 -13.61 6.21
N ALA A 557 2.29 -14.51 6.59
CA ALA A 557 2.65 -15.91 6.83
C ALA A 557 1.44 -16.82 6.62
N ILE A 558 1.66 -17.98 6.00
CA ILE A 558 0.61 -18.97 5.89
C ILE A 558 1.15 -20.36 6.15
N LYS A 559 0.25 -21.26 6.54
CA LYS A 559 0.56 -22.68 6.61
C LYS A 559 0.13 -23.28 5.27
N TYR A 560 1.09 -23.78 4.50
CA TYR A 560 0.79 -24.38 3.20
C TYR A 560 0.10 -25.73 3.38
N SER A 561 -0.90 -26.02 2.54
CA SER A 561 -1.69 -27.25 2.73
C SER A 561 -0.94 -28.52 2.34
N GLN A 562 0.06 -28.39 1.46
CA GLN A 562 0.74 -29.57 0.92
C GLN A 562 2.10 -29.77 1.57
N LEU A 563 2.57 -31.01 1.57
CA LEU A 563 3.90 -31.32 2.07
C LEU A 563 4.93 -30.80 1.06
N ILE A 564 6.05 -30.35 1.58
CA ILE A 564 7.19 -29.98 0.75
C ILE A 564 8.39 -30.74 1.27
N ASP A 565 9.10 -31.44 0.39
CA ASP A 565 10.22 -32.30 0.79
C ASP A 565 9.77 -33.27 1.89
N GLY A 566 8.50 -33.67 1.83
CA GLY A 566 7.93 -34.60 2.78
C GLY A 566 7.57 -34.02 4.13
N LYS A 567 7.59 -32.69 4.25
CA LYS A 567 7.38 -32.04 5.54
C LYS A 567 6.28 -30.97 5.48
N GLU A 568 5.70 -30.67 6.65
CA GLU A 568 4.73 -29.58 6.78
C GLU A 568 5.50 -28.30 6.49
N ALA A 569 4.87 -27.34 5.82
CA ALA A 569 5.58 -26.13 5.39
C ALA A 569 4.84 -24.87 5.79
N VAL A 570 5.61 -23.85 6.18
CA VAL A 570 5.12 -22.51 6.44
C VAL A 570 5.81 -21.59 5.43
N ILE A 571 5.07 -20.61 4.89
CA ILE A 571 5.69 -19.65 3.97
C ILE A 571 5.59 -18.23 4.57
N LEU A 572 6.72 -17.53 4.65
CA LEU A 572 6.75 -16.16 5.15
C LEU A 572 7.00 -15.20 3.99
N SER A 573 6.38 -14.03 4.03
CA SER A 573 6.65 -12.95 3.06
C SER A 573 7.14 -11.71 3.81
N THR A 574 8.28 -11.17 3.39
CA THR A 574 8.90 -10.05 4.08
C THR A 574 10.00 -9.46 3.21
N PRO A 575 10.31 -8.17 3.42
CA PRO A 575 11.59 -7.70 2.88
C PRO A 575 12.73 -8.43 3.59
N ASN A 576 13.86 -8.61 2.93
CA ASN A 576 15.04 -9.19 3.57
C ASN A 576 16.20 -8.23 3.34
N SER A 577 16.37 -7.31 4.28
CA SER A 577 17.32 -6.20 4.13
C SER A 577 17.49 -5.50 5.47
N ARG A 578 18.74 -5.14 5.79
CA ARG A 578 19.03 -4.39 7.01
C ARG A 578 18.93 -2.90 6.76
N SER A 579 18.77 -2.53 5.50
CA SER A 579 18.91 -1.15 5.07
CA SER A 579 18.92 -1.15 5.07
C SER A 579 17.60 -0.43 4.80
N GLY A 580 16.71 -1.07 4.05
CA GLY A 580 15.43 -0.46 3.72
C GLY A 580 14.33 -1.48 3.49
N ARG A 581 13.17 -1.03 3.04
CA ARG A 581 12.10 -1.98 2.68
C ARG A 581 12.30 -2.35 1.23
N LYS A 582 13.17 -3.35 1.03
CA LYS A 582 13.53 -3.82 -0.30
C LYS A 582 14.00 -5.27 -0.19
N GLY A 583 14.29 -5.90 -1.31
CA GLY A 583 14.74 -7.28 -1.30
C GLY A 583 13.65 -8.23 -0.84
N GLY A 584 12.47 -8.12 -1.45
CA GLY A 584 11.36 -8.95 -1.05
C GLY A 584 11.64 -10.43 -1.29
N GLN A 585 11.20 -11.25 -0.35
CA GLN A 585 11.37 -12.69 -0.44
C GLN A 585 10.15 -13.44 0.07
N LEU A 586 9.90 -14.60 -0.54
CA LEU A 586 9.09 -15.62 0.12
C LEU A 586 10.10 -16.60 0.72
N VAL A 587 9.93 -16.97 1.98
CA VAL A 587 10.87 -17.88 2.63
C VAL A 587 10.08 -19.10 3.04
N VAL A 588 10.49 -20.27 2.52
CA VAL A 588 9.77 -21.49 2.82
C VAL A 588 10.45 -22.23 3.99
N GLY A 589 9.69 -22.50 5.03
CA GLY A 589 10.21 -23.21 6.20
C GLY A 589 9.56 -24.57 6.38
N LEU A 590 10.39 -25.58 6.64
CA LEU A 590 9.90 -26.93 6.88
C LEU A 590 9.86 -27.23 8.39
N VAL A 591 8.71 -27.70 8.84
CA VAL A 591 8.47 -27.95 10.26
C VAL A 591 9.09 -29.26 10.71
N ASN A 592 9.75 -29.22 11.87
CA ASN A 592 10.29 -30.41 12.51
C ASN A 592 9.25 -30.94 13.49
N LYS A 593 8.60 -32.06 13.14
CA LYS A 593 7.54 -32.63 13.97
C LYS A 593 7.99 -33.01 15.38
N GLU A 594 9.29 -33.14 15.58
CA GLU A 594 9.83 -33.52 16.88
C GLU A 594 9.68 -32.42 17.93
N ASP A 595 9.80 -31.17 17.50
CA ASP A 595 9.81 -30.05 18.45
C ASP A 595 9.16 -28.77 17.89
N ASP A 596 8.60 -28.86 16.69
CA ASP A 596 7.93 -27.74 16.03
C ASP A 596 8.87 -26.59 15.66
N SER A 597 10.18 -26.85 15.69
CA SER A 597 11.14 -25.89 15.19
C SER A 597 10.97 -25.81 13.67
N ILE A 598 11.38 -24.69 13.08
CA ILE A 598 11.24 -24.53 11.64
C ILE A 598 12.58 -24.29 10.98
N ASP A 599 12.89 -25.07 9.96
CA ASP A 599 14.10 -24.89 9.14
CA ASP A 599 14.09 -24.82 9.19
C ASP A 599 13.75 -24.08 7.91
N TRP A 600 14.26 -22.86 7.82
CA TRP A 600 14.00 -21.98 6.69
C TRP A 600 14.88 -22.38 5.55
N LYS A 601 14.34 -23.24 4.69
CA LYS A 601 15.15 -23.96 3.71
C LYS A 601 15.27 -23.24 2.37
N TYR A 602 14.19 -22.59 1.94
CA TYR A 602 14.18 -21.93 0.63
C TYR A 602 13.88 -20.44 0.74
N HIS A 603 14.66 -19.64 0.04
CA HIS A 603 14.43 -18.19 -0.07
C HIS A 603 14.18 -17.86 -1.54
N TYR A 604 12.98 -17.40 -1.86
CA TYR A 604 12.67 -16.94 -3.21
C TYR A 604 12.69 -15.41 -3.29
N GLY A 605 13.54 -14.85 -4.14
CA GLY A 605 13.58 -13.42 -4.30
C GLY A 605 12.48 -12.94 -5.26
N ILE A 606 11.60 -12.08 -4.75
CA ILE A 606 10.45 -11.58 -5.52
C ILE A 606 10.91 -10.69 -6.69
N ASP A 607 11.94 -9.89 -6.44
CA ASP A 607 12.57 -9.09 -7.48
C ASP A 607 13.97 -8.78 -6.96
N LEU A 608 14.65 -7.82 -7.56
CA LEU A 608 16.04 -7.52 -7.18
C LEU A 608 16.17 -7.15 -5.70
N PRO A 609 17.33 -7.46 -5.10
CA PRO A 609 17.57 -7.07 -3.70
C PRO A 609 17.43 -5.56 -3.49
N SER A 610 17.67 -4.78 -4.54
CA SER A 610 17.65 -3.32 -4.41
C SER A 610 16.27 -2.73 -4.70
N TYR A 611 15.35 -3.54 -5.24
CA TYR A 611 14.00 -3.03 -5.55
C TYR A 611 13.07 -3.14 -4.36
N GLY A 612 12.15 -2.17 -4.25
CA GLY A 612 11.33 -2.00 -3.08
C GLY A 612 10.33 -3.12 -2.83
N TYR A 613 10.16 -3.42 -1.55
CA TYR A 613 9.18 -4.43 -1.11
C TYR A 613 8.84 -4.16 0.33
N ALA A 614 7.58 -3.84 0.60
CA ALA A 614 7.21 -3.45 1.96
C ALA A 614 6.15 -4.35 2.57
N TYR A 615 4.99 -3.79 2.90
CA TYR A 615 3.93 -4.64 3.46
C TYR A 615 3.45 -5.61 2.38
N SER A 616 2.97 -6.77 2.81
CA SER A 616 2.57 -7.80 1.87
C SER A 616 1.45 -8.66 2.43
N ALA A 617 0.81 -9.39 1.53
CA ALA A 617 -0.24 -10.34 1.88
C ALA A 617 0.04 -11.59 1.05
N ILE A 618 -0.10 -12.76 1.66
CA ILE A 618 0.05 -13.97 0.89
C ILE A 618 -1.09 -14.92 1.19
N THR A 619 -1.47 -15.71 0.21
CA THR A 619 -2.53 -16.68 0.46
C THR A 619 -2.32 -17.90 -0.43
N GLU A 620 -2.72 -19.07 0.07
CA GLU A 620 -2.75 -20.24 -0.79
C GLU A 620 -4.05 -20.24 -1.59
N LEU A 621 -3.92 -20.10 -2.91
CA LEU A 621 -5.08 -20.05 -3.79
C LEU A 621 -5.69 -21.45 -3.86
N PRO A 622 -6.96 -21.55 -4.29
CA PRO A 622 -7.62 -22.86 -4.32
C PRO A 622 -6.89 -23.90 -5.18
N ASN A 623 -6.12 -23.46 -6.16
CA ASN A 623 -5.38 -24.38 -7.01
C ASN A 623 -3.96 -24.69 -6.52
N HIS A 624 -3.70 -24.31 -5.27
CA HIS A 624 -2.40 -24.48 -4.58
C HIS A 624 -1.27 -23.58 -5.08
N HIS A 625 -1.59 -22.65 -5.96
CA HIS A 625 -0.64 -21.57 -6.28
C HIS A 625 -0.61 -20.62 -5.09
N ILE A 626 0.37 -19.71 -5.08
CA ILE A 626 0.49 -18.72 -4.01
C ILE A 626 0.20 -17.35 -4.64
N GLY A 627 -0.75 -16.61 -4.06
CA GLY A 627 -1.03 -15.26 -4.50
C GLY A 627 -0.32 -14.28 -3.58
N VAL A 628 0.31 -13.26 -4.15
CA VAL A 628 1.02 -12.27 -3.32
C VAL A 628 0.60 -10.88 -3.74
N LEU A 629 0.05 -10.11 -2.79
CA LEU A 629 -0.30 -8.71 -3.04
C LEU A 629 0.58 -7.90 -2.10
N PHE A 630 1.39 -7.02 -2.67
CA PHE A 630 2.44 -6.38 -1.88
C PHE A 630 2.73 -4.96 -2.34
N GLU A 631 3.21 -4.14 -1.39
CA GLU A 631 3.70 -2.81 -1.71
C GLU A 631 5.06 -2.90 -2.40
N LYS A 632 5.10 -2.64 -3.69
CA LYS A 632 6.36 -2.69 -4.44
C LYS A 632 7.09 -1.36 -4.42
N TYR A 633 7.46 -0.93 -3.22
CA TYR A 633 8.24 0.29 -3.04
C TYR A 633 8.64 0.36 -1.59
N ASP A 634 9.48 1.31 -1.25
CA ASP A 634 9.86 1.47 0.14
C ASP A 634 8.86 2.41 0.82
N SER A 635 7.91 1.86 1.55
CA SER A 635 6.86 2.67 2.18
C SER A 635 7.32 3.38 3.46
N TRP A 636 8.60 3.21 3.80
CA TRP A 636 9.19 3.95 4.93
C TRP A 636 9.90 5.18 4.39
N SER A 637 10.61 5.02 3.28
CA SER A 637 11.44 6.08 2.71
C SER A 637 10.68 7.37 2.51
N ARG A 638 11.27 8.48 2.96
CA ARG A 638 10.69 9.80 2.76
C ARG A 638 10.87 10.27 1.31
N ASN A 639 11.59 9.50 0.52
CA ASN A 639 11.75 9.81 -0.90
C ASN A 639 10.71 9.14 -1.80
N GLU A 640 9.96 8.18 -1.24
CA GLU A 640 9.05 7.36 -2.05
C GLU A 640 7.59 7.51 -1.62
N LEU A 641 7.28 8.65 -1.00
CA LEU A 641 5.91 8.96 -0.64
C LEU A 641 5.04 9.19 -1.89
N HIS A 642 3.75 8.91 -1.76
CA HIS A 642 2.75 9.32 -2.75
C HIS A 642 3.03 8.79 -4.16
N LEU A 643 3.22 7.47 -4.26
CA LEU A 643 3.36 6.80 -5.56
C LEU A 643 2.06 6.05 -5.84
N SER A 644 1.60 6.10 -7.08
CA SER A 644 0.37 5.41 -7.46
CA SER A 644 0.37 5.40 -7.44
C SER A 644 0.67 4.07 -8.12
N ASN A 645 -0.22 3.10 -7.91
CA ASN A 645 -0.12 1.80 -8.56
C ASN A 645 1.18 1.04 -8.29
N VAL A 646 1.58 1.03 -7.01
CA VAL A 646 2.74 0.26 -6.58
C VAL A 646 2.35 -0.96 -5.73
N VAL A 647 1.11 -1.00 -5.26
CA VAL A 647 0.59 -2.23 -4.64
C VAL A 647 0.17 -3.17 -5.74
N GLN A 648 0.90 -4.27 -5.89
CA GLN A 648 0.71 -5.14 -7.06
C GLN A 648 0.59 -6.61 -6.66
N TYR A 649 0.03 -7.40 -7.57
CA TYR A 649 -0.33 -8.79 -7.31
C TYR A 649 0.41 -9.70 -8.26
N ILE A 650 0.98 -10.79 -7.74
CA ILE A 650 1.59 -11.79 -8.61
C ILE A 650 1.13 -13.19 -8.22
N ASP A 651 1.24 -14.11 -9.18
CA ASP A 651 0.89 -15.51 -8.93
C ASP A 651 2.16 -16.35 -8.98
N LEU A 652 2.37 -17.20 -7.97
CA LEU A 652 3.56 -18.06 -7.94
C LEU A 652 3.17 -19.52 -7.71
N GLU A 653 4.00 -20.43 -8.19
CA GLU A 653 3.84 -21.87 -7.89
C GLU A 653 4.95 -22.30 -6.92
N ILE A 654 4.70 -23.35 -6.14
CA ILE A 654 5.72 -23.78 -5.17
C ILE A 654 7.04 -24.11 -5.85
N ASN A 655 6.97 -24.70 -7.04
CA ASN A 655 8.20 -25.02 -7.78
C ASN A 655 9.03 -23.78 -8.13
N ASP A 656 8.38 -22.62 -8.21
CA ASP A 656 9.08 -21.36 -8.44
C ASP A 656 9.91 -20.98 -7.21
N LEU A 657 9.38 -21.32 -6.04
CA LEU A 657 9.99 -20.92 -4.77
C LEU A 657 11.16 -21.81 -4.39
N THR A 658 11.05 -23.10 -4.69
CA THR A 658 12.04 -24.07 -4.28
C THR A 658 13.13 -24.20 -5.34
#